data_1DNT
# 
_entry.id   1DNT 
# 
_audit_conform.dict_name       mmcif_pdbx.dic 
_audit_conform.dict_version    5.385 
_audit_conform.dict_location   http://mmcif.pdb.org/dictionaries/ascii/mmcif_pdbx.dic 
# 
loop_
_database_2.database_id 
_database_2.database_code 
_database_2.pdbx_database_accession 
_database_2.pdbx_DOI 
PDB   1DNT         pdb_00001dnt 10.2210/pdb1dnt/pdb 
NDB   AH0008       ?            ?                   
RCSB  RCSB010230   ?            ?                   
WWPDB D_1000010230 ?            ?                   
# 
loop_
_pdbx_audit_revision_history.ordinal 
_pdbx_audit_revision_history.data_content_type 
_pdbx_audit_revision_history.major_revision 
_pdbx_audit_revision_history.minor_revision 
_pdbx_audit_revision_history.revision_date 
1 'Structure model' 1 0 2000-04-10 
2 'Structure model' 1 1 2008-04-27 
3 'Structure model' 1 2 2011-07-13 
4 'Structure model' 1 3 2017-10-04 
5 'Structure model' 1 4 2024-02-07 
# 
_pdbx_audit_revision_details.ordinal             1 
_pdbx_audit_revision_details.revision_ordinal    1 
_pdbx_audit_revision_details.data_content_type   'Structure model' 
_pdbx_audit_revision_details.provider            repository 
_pdbx_audit_revision_details.type                'Initial release' 
_pdbx_audit_revision_details.description         ? 
_pdbx_audit_revision_details.details             ? 
# 
loop_
_pdbx_audit_revision_group.ordinal 
_pdbx_audit_revision_group.revision_ordinal 
_pdbx_audit_revision_group.data_content_type 
_pdbx_audit_revision_group.group 
1 2 'Structure model' 'Version format compliance' 
2 3 'Structure model' 'Version format compliance' 
3 4 'Structure model' 'Refinement description'    
4 4 'Structure model' 'Structure summary'         
5 5 'Structure model' 'Data collection'           
6 5 'Structure model' 'Database references'       
7 5 'Structure model' 'Derived calculations'      
# 
loop_
_pdbx_audit_revision_category.ordinal 
_pdbx_audit_revision_category.revision_ordinal 
_pdbx_audit_revision_category.data_content_type 
_pdbx_audit_revision_category.category 
1 4 'Structure model' software               
2 4 'Structure model' struct_keywords        
3 5 'Structure model' chem_comp_atom         
4 5 'Structure model' chem_comp_bond         
5 5 'Structure model' database_2             
6 5 'Structure model' pdbx_struct_conn_angle 
7 5 'Structure model' struct_conn            
8 5 'Structure model' struct_site            
# 
loop_
_pdbx_audit_revision_item.ordinal 
_pdbx_audit_revision_item.revision_ordinal 
_pdbx_audit_revision_item.data_content_type 
_pdbx_audit_revision_item.item 
1  4 'Structure model' '_struct_keywords.text'                       
2  5 'Structure model' '_database_2.pdbx_DOI'                        
3  5 'Structure model' '_database_2.pdbx_database_accession'         
4  5 'Structure model' '_pdbx_struct_conn_angle.ptnr1_auth_asym_id'  
5  5 'Structure model' '_pdbx_struct_conn_angle.ptnr1_auth_seq_id'   
6  5 'Structure model' '_pdbx_struct_conn_angle.ptnr1_label_asym_id' 
7  5 'Structure model' '_pdbx_struct_conn_angle.ptnr3_auth_asym_id'  
8  5 'Structure model' '_pdbx_struct_conn_angle.ptnr3_auth_seq_id'   
9  5 'Structure model' '_pdbx_struct_conn_angle.ptnr3_label_asym_id' 
10 5 'Structure model' '_pdbx_struct_conn_angle.value'               
11 5 'Structure model' '_struct_conn.pdbx_dist_value'                
12 5 'Structure model' '_struct_conn.ptnr2_auth_asym_id'             
13 5 'Structure model' '_struct_conn.ptnr2_auth_seq_id'              
14 5 'Structure model' '_struct_conn.ptnr2_label_asym_id'            
15 5 'Structure model' '_struct_site.pdbx_auth_asym_id'              
16 5 'Structure model' '_struct_site.pdbx_auth_comp_id'              
17 5 'Structure model' '_struct_site.pdbx_auth_seq_id'               
# 
_pdbx_database_status.status_code                     REL 
_pdbx_database_status.entry_id                        1DNT 
_pdbx_database_status.recvd_initial_deposition_date   1999-12-16 
_pdbx_database_status.deposit_site                    RCSB 
_pdbx_database_status.process_site                    RCSB 
_pdbx_database_status.status_code_sf                  REL 
_pdbx_database_status.SG_entry                        . 
_pdbx_database_status.status_code_mr                  ? 
_pdbx_database_status.pdb_format_compatible           Y 
_pdbx_database_status.status_code_cs                  ? 
_pdbx_database_status.methods_development_category    ? 
_pdbx_database_status.status_code_nmr_data            ? 
# 
loop_
_pdbx_database_related.db_name 
_pdbx_database_related.db_id 
_pdbx_database_related.details 
_pdbx_database_related.content_type 
PDB 1DNO . unspecified 
PDB 1DNX . unspecified 
# 
loop_
_audit_author.name 
_audit_author.pdbx_ordinal 
'Robinson, H.'   1 
'Gao, Y.-G.'     2 
'Sanishvili, R.' 3 
'Joachimiak, A.' 4 
'Wang, A.H.-J.'  5 
# 
_citation.id                        primary 
_citation.title                     
'Hexahydrated magnesium ions bind in the deep major groove and at the outer mouth of A-form nucleic acid duplexes.' 
_citation.journal_abbrev            'Nucleic Acids Res.' 
_citation.journal_volume            28 
_citation.page_first                1760 
_citation.page_last                 1766 
_citation.year                      2000 
_citation.journal_id_ASTM           NARHAD 
_citation.country                   UK 
_citation.journal_id_ISSN           0305-1048 
_citation.journal_id_CSD            0389 
_citation.book_publisher            ? 
_citation.pdbx_database_id_PubMed   10734195 
_citation.pdbx_database_id_DOI      10.1093/nar/28.8.1760 
# 
loop_
_citation_author.citation_id 
_citation_author.name 
_citation_author.ordinal 
_citation_author.identifier_ORCID 
primary 'Robinson, H.'   1 ? 
primary 'Gao, Y.G.'      2 ? 
primary 'Sanishvili, R.' 3 ? 
primary 'Joachimiak, A.' 4 ? 
primary 'Wang, A.H.'     5 ? 
# 
loop_
_entity.id 
_entity.type 
_entity.src_method 
_entity.pdbx_description 
_entity.formula_weight 
_entity.pdbx_number_of_molecules 
_entity.pdbx_ec 
_entity.pdbx_mutation 
_entity.pdbx_fragment 
_entity.details 
1 polymer     syn 
;DNA/RNA (5'-R(*GP*CP)-D(*GP*TP*AP*TP*AP*CP*GP*C)-3')
;
3077.005 2  ? ? ? ? 
2 non-polymer syn 'MAGNESIUM ION'                                        24.305   1  ? ? ? ? 
3 water       nat water                                                  18.015   51 ? ? ? ? 
# 
_entity_poly.entity_id                      1 
_entity_poly.type                           'polydeoxyribonucleotide/polyribonucleotide hybrid' 
_entity_poly.nstd_linkage                   no 
_entity_poly.nstd_monomer                   no 
_entity_poly.pdbx_seq_one_letter_code       'GC(DG)(DT)(DA)(DT)(DA)(DC)(DG)(DC)' 
_entity_poly.pdbx_seq_one_letter_code_can   GCGTATACGC 
_entity_poly.pdbx_strand_id                 A,B 
_entity_poly.pdbx_target_identifier         ? 
# 
loop_
_pdbx_entity_nonpoly.entity_id 
_pdbx_entity_nonpoly.name 
_pdbx_entity_nonpoly.comp_id 
2 'MAGNESIUM ION' MG  
3 water           HOH 
# 
loop_
_entity_poly_seq.entity_id 
_entity_poly_seq.num 
_entity_poly_seq.mon_id 
_entity_poly_seq.hetero 
1 1  G  n 
1 2  C  n 
1 3  DG n 
1 4  DT n 
1 5  DA n 
1 6  DT n 
1 7  DA n 
1 8  DC n 
1 9  DG n 
1 10 DC n 
# 
loop_
_chem_comp.id 
_chem_comp.type 
_chem_comp.mon_nstd_flag 
_chem_comp.name 
_chem_comp.pdbx_synonyms 
_chem_comp.formula 
_chem_comp.formula_weight 
C   'RNA linking' y "CYTIDINE-5'-MONOPHOSPHATE"          ? 'C9 H14 N3 O8 P'  323.197 
DA  'DNA linking' y "2'-DEOXYADENOSINE-5'-MONOPHOSPHATE" ? 'C10 H14 N5 O6 P' 331.222 
DC  'DNA linking' y "2'-DEOXYCYTIDINE-5'-MONOPHOSPHATE"  ? 'C9 H14 N3 O7 P'  307.197 
DG  'DNA linking' y "2'-DEOXYGUANOSINE-5'-MONOPHOSPHATE" ? 'C10 H14 N5 O7 P' 347.221 
DT  'DNA linking' y "THYMIDINE-5'-MONOPHOSPHATE"         ? 'C10 H15 N2 O8 P' 322.208 
G   'RNA linking' y "GUANOSINE-5'-MONOPHOSPHATE"         ? 'C10 H14 N5 O8 P' 363.221 
HOH non-polymer   . WATER                                ? 'H2 O'            18.015  
MG  non-polymer   . 'MAGNESIUM ION'                      ? 'Mg 2'            24.305  
# 
loop_
_pdbx_poly_seq_scheme.asym_id 
_pdbx_poly_seq_scheme.entity_id 
_pdbx_poly_seq_scheme.seq_id 
_pdbx_poly_seq_scheme.mon_id 
_pdbx_poly_seq_scheme.ndb_seq_num 
_pdbx_poly_seq_scheme.pdb_seq_num 
_pdbx_poly_seq_scheme.auth_seq_num 
_pdbx_poly_seq_scheme.pdb_mon_id 
_pdbx_poly_seq_scheme.auth_mon_id 
_pdbx_poly_seq_scheme.pdb_strand_id 
_pdbx_poly_seq_scheme.pdb_ins_code 
_pdbx_poly_seq_scheme.hetero 
A 1 1  G  1  1  1  G  G A . n 
A 1 2  C  2  2  2  C  C A . n 
A 1 3  DG 3  3  3  DG G A . n 
A 1 4  DT 4  4  4  DT T A . n 
A 1 5  DA 5  5  5  DA A A . n 
A 1 6  DT 6  6  6  DT T A . n 
A 1 7  DA 7  7  7  DA A A . n 
A 1 8  DC 8  8  8  DC C A . n 
A 1 9  DG 9  9  9  DG G A . n 
A 1 10 DC 10 10 10 DC C A . n 
B 1 1  G  1  11 11 G  G B . n 
B 1 2  C  2  12 12 C  C B . n 
B 1 3  DG 3  13 13 DG G B . n 
B 1 4  DT 4  14 14 DT T B . n 
B 1 5  DA 5  15 15 DA A B . n 
B 1 6  DT 6  16 16 DT T B . n 
B 1 7  DA 7  17 17 DA A B . n 
B 1 8  DC 8  18 18 DC C B . n 
B 1 9  DG 9  19 19 DG G B . n 
B 1 10 DC 10 20 20 DC C B . n 
# 
loop_
_pdbx_nonpoly_scheme.asym_id 
_pdbx_nonpoly_scheme.entity_id 
_pdbx_nonpoly_scheme.mon_id 
_pdbx_nonpoly_scheme.ndb_seq_num 
_pdbx_nonpoly_scheme.pdb_seq_num 
_pdbx_nonpoly_scheme.auth_seq_num 
_pdbx_nonpoly_scheme.pdb_mon_id 
_pdbx_nonpoly_scheme.auth_mon_id 
_pdbx_nonpoly_scheme.pdb_strand_id 
_pdbx_nonpoly_scheme.pdb_ins_code 
C 2 MG  1  21  21  MG  MO6 A . 
D 3 HOH 1  101 101 HOH HOH A . 
D 3 HOH 2  106 106 HOH HOH A . 
D 3 HOH 3  110 110 HOH HOH A . 
D 3 HOH 4  111 111 HOH HOH A . 
D 3 HOH 5  112 112 HOH HOH A . 
D 3 HOH 6  113 113 HOH HOH A . 
D 3 HOH 7  114 114 HOH HOH A . 
D 3 HOH 8  115 115 HOH HOH A . 
D 3 HOH 9  116 116 HOH HOH A . 
D 3 HOH 10 117 117 HOH HOH A . 
D 3 HOH 11 118 118 HOH HOH A . 
D 3 HOH 12 119 119 HOH HOH A . 
D 3 HOH 13 120 120 HOH HOH A . 
D 3 HOH 14 121 121 HOH HOH A . 
D 3 HOH 15 122 122 HOH HOH A . 
D 3 HOH 16 123 123 HOH HOH A . 
D 3 HOH 17 124 124 HOH HOH A . 
D 3 HOH 18 125 125 HOH HOH A . 
D 3 HOH 19 126 126 HOH HOH A . 
D 3 HOH 20 128 128 HOH HOH A . 
D 3 HOH 21 129 129 HOH HOH A . 
D 3 HOH 22 130 130 HOH HOH A . 
D 3 HOH 23 132 132 HOH HOH A . 
D 3 HOH 24 133 133 HOH HOH A . 
D 3 HOH 25 134 134 HOH HOH A . 
D 3 HOH 26 136 136 HOH HOH A . 
D 3 HOH 27 137 137 HOH HOH A . 
D 3 HOH 28 139 139 HOH HOH A . 
D 3 HOH 29 140 140 HOH HOH A . 
D 3 HOH 30 141 141 HOH HOH A . 
D 3 HOH 31 144 144 HOH HOH A . 
D 3 HOH 32 146 21  HOH MO6 A . 
D 3 HOH 33 147 21  HOH MO6 A . 
D 3 HOH 34 148 21  HOH MO6 A . 
D 3 HOH 35 149 21  HOH MO6 A . 
D 3 HOH 36 150 21  HOH MO6 A . 
E 3 HOH 1  102 102 HOH HOH B . 
E 3 HOH 2  103 103 HOH HOH B . 
E 3 HOH 3  104 104 HOH HOH B . 
E 3 HOH 4  105 105 HOH HOH B . 
E 3 HOH 5  107 107 HOH HOH B . 
E 3 HOH 6  108 108 HOH HOH B . 
E 3 HOH 7  109 109 HOH HOH B . 
E 3 HOH 8  127 127 HOH HOH B . 
E 3 HOH 9  131 131 HOH HOH B . 
E 3 HOH 10 135 135 HOH HOH B . 
E 3 HOH 11 138 138 HOH HOH B . 
E 3 HOH 12 142 142 HOH HOH B . 
E 3 HOH 13 143 143 HOH HOH B . 
E 3 HOH 14 145 145 HOH HOH B . 
E 3 HOH 15 151 21  HOH MO6 B . 
# 
loop_
_software.name 
_software.classification 
_software.version 
_software.citation_id 
_software.pdbx_ordinal 
d*TREK    'data reduction' . ? 1 
X-PLOR    'model building' . ? 2 
SHELXL-97 refinement       . ? 3 
d*TREK    'data scaling'   . ? 4 
X-PLOR    phasing          . ? 5 
# 
_cell.entry_id           1DNT 
_cell.length_a           25.538 
_cell.length_b           43.725 
_cell.length_c           45.466 
_cell.angle_alpha        90.00 
_cell.angle_beta         90.00 
_cell.angle_gamma        90.00 
_cell.Z_PDB              8 
_cell.pdbx_unique_axis   ? 
_cell.length_a_esd       ? 
_cell.length_b_esd       ? 
_cell.length_c_esd       ? 
_cell.angle_alpha_esd    ? 
_cell.angle_beta_esd     ? 
_cell.angle_gamma_esd    ? 
# 
_symmetry.entry_id                         1DNT 
_symmetry.space_group_name_H-M             'P 21 21 21' 
_symmetry.pdbx_full_space_group_name_H-M   ? 
_symmetry.cell_setting                     orthorhombic 
_symmetry.Int_Tables_number                19 
_symmetry.space_group_name_Hall            ? 
# 
_exptl.entry_id          1DNT 
_exptl.method            'X-RAY DIFFRACTION' 
_exptl.crystals_number   1 
# 
_exptl_crystal.id                    1 
_exptl_crystal.density_meas          ? 
_exptl_crystal.density_Matthews      1.87 
_exptl_crystal.density_percent_sol   34.0 
_exptl_crystal.description           ? 
_exptl_crystal.F_000                 ? 
_exptl_crystal.preparation           ? 
# 
_exptl_crystal_grow.crystal_id      1 
_exptl_crystal_grow.method          'VAPOR DIFFUSION, SITTING DROP' 
_exptl_crystal_grow.temp            298 
_exptl_crystal_grow.temp_details    ? 
_exptl_crystal_grow.pH              6.5 
_exptl_crystal_grow.pdbx_details    'MPD, CACODYLATE, MGCL2, SPERMINE, pH 6.5, VAPOR DIFFUSION, SITTING DROP, temperature 298K' 
_exptl_crystal_grow.pdbx_pH_range   ? 
# 
loop_
_exptl_crystal_grow_comp.crystal_id 
_exptl_crystal_grow_comp.id 
_exptl_crystal_grow_comp.sol_id 
_exptl_crystal_grow_comp.name 
_exptl_crystal_grow_comp.volume 
_exptl_crystal_grow_comp.conc 
_exptl_crystal_grow_comp.details 
1 1 1 CACODYLATE ? ? ? 
1 2 1 SPERMINE   ? ? ? 
1 3 1 MGCL2      ? ? ? 
1 4 1 MPD        ? ? ? 
1 5 2 MPD        ? ? ? 
# 
_diffrn.id                     1 
_diffrn.ambient_temp           123 
_diffrn.ambient_temp_details   ? 
_diffrn.crystal_id             1 
# 
_diffrn_detector.diffrn_id              1 
_diffrn_detector.detector               'IMAGE PLATE' 
_diffrn_detector.type                   'RIGAKU RAXIS IIC' 
_diffrn_detector.pdbx_collection_date   1998-12-17 
_diffrn_detector.details                ? 
# 
_diffrn_radiation.diffrn_id                        1 
_diffrn_radiation.wavelength_id                    1 
_diffrn_radiation.pdbx_monochromatic_or_laue_m_l   M 
_diffrn_radiation.monochromator                    ? 
_diffrn_radiation.pdbx_diffrn_protocol             'SINGLE WAVELENGTH' 
_diffrn_radiation.pdbx_scattering_type             x-ray 
# 
_diffrn_radiation_wavelength.id           1 
_diffrn_radiation_wavelength.wavelength   1.5418 
_diffrn_radiation_wavelength.wt           1.0 
# 
_diffrn_source.diffrn_id                   1 
_diffrn_source.source                      'ROTATING ANODE' 
_diffrn_source.type                        'RIGAKU RU200' 
_diffrn_source.pdbx_synchrotron_site       ? 
_diffrn_source.pdbx_synchrotron_beamline   ? 
_diffrn_source.pdbx_wavelength             1.5418 
_diffrn_source.pdbx_wavelength_list        ? 
# 
_reflns.entry_id                     1DNT 
_reflns.observed_criterion_sigma_I   0.0 
_reflns.observed_criterion_sigma_F   0.0 
_reflns.d_resolution_low             10.0 
_reflns.d_resolution_high            1.7 
_reflns.number_obs                   5929 
_reflns.number_all                   5962 
_reflns.percent_possible_obs         100.0 
_reflns.pdbx_Rmerge_I_obs            0.056 
_reflns.pdbx_Rsym_value              ? 
_reflns.pdbx_netI_over_sigmaI        43.1 
_reflns.B_iso_Wilson_estimate        33.4 
_reflns.pdbx_redundancy              12.6 
_reflns.R_free_details               ? 
_reflns.pdbx_chi_squared             ? 
_reflns.pdbx_scaling_rejects         ? 
_reflns.pdbx_diffrn_id               1 
_reflns.pdbx_ordinal                 1 
# 
_reflns_shell.d_res_high             1.70 
_reflns_shell.d_res_low              1.76 
_reflns_shell.percent_possible_all   100.0 
_reflns_shell.Rmerge_I_obs           0.404 
_reflns_shell.pdbx_Rsym_value        ? 
_reflns_shell.meanI_over_sigI_obs    11.5 
_reflns_shell.pdbx_redundancy        11.6 
_reflns_shell.percent_possible_obs   ? 
_reflns_shell.number_unique_all      ? 
_reflns_shell.number_measured_all    ? 
_reflns_shell.number_measured_obs    ? 
_reflns_shell.number_unique_obs      ? 
_reflns_shell.pdbx_chi_squared       ? 
_reflns_shell.pdbx_diffrn_id         ? 
_reflns_shell.pdbx_ordinal           1 
# 
_refine.entry_id                                 1DNT 
_refine.ls_number_reflns_obs                     5929 
_refine.ls_number_reflns_all                     5929 
_refine.pdbx_ls_sigma_I                          0.0 
_refine.pdbx_ls_sigma_F                          0.0 
_refine.pdbx_data_cutoff_high_absF               ? 
_refine.pdbx_data_cutoff_low_absF                ? 
_refine.pdbx_data_cutoff_high_rms_absF           ? 
_refine.ls_d_res_low                             10 
_refine.ls_d_res_high                            1.7 
_refine.ls_percent_reflns_obs                    99.3 
_refine.ls_R_factor_obs                          0.194 
_refine.ls_R_factor_all                          0.196 
_refine.ls_R_factor_R_work                       0.194 
_refine.ls_R_factor_R_free                       0.269 
_refine.ls_R_factor_R_free_error                 ? 
_refine.ls_R_factor_R_free_error_details         ? 
_refine.ls_percent_reflns_R_free                 5 
_refine.ls_number_reflns_R_free                  295 
_refine.ls_number_parameters                     1843 
_refine.ls_number_restraints                     1769 
_refine.occupancy_min                            ? 
_refine.occupancy_max                            ? 
_refine.B_iso_mean                               ? 
_refine.aniso_B[1][1]                            ? 
_refine.aniso_B[2][2]                            ? 
_refine.aniso_B[3][3]                            ? 
_refine.aniso_B[1][2]                            ? 
_refine.aniso_B[1][3]                            ? 
_refine.aniso_B[2][3]                            ? 
_refine.solvent_model_details                    'SHELXL SWAT OPTION' 
_refine.solvent_model_param_ksol                 ? 
_refine.solvent_model_param_bsol                 ? 
_refine.pdbx_ls_cross_valid_method               'A POSTERIORI' 
_refine.details                                  ? 
_refine.pdbx_starting_model                      ? 
_refine.pdbx_method_to_determine_struct          'MOLECULAR REPLACEMENT' 
_refine.pdbx_isotropic_thermal_model             ? 
_refine.pdbx_stereochemistry_target_values       'G.PARKINSON ET AL.' 
_refine.pdbx_stereochem_target_val_spec_case     ? 
_refine.pdbx_R_Free_selection_details            RANDOM 
_refine.pdbx_overall_ESU_R                       ? 
_refine.pdbx_overall_ESU_R_Free                  ? 
_refine.overall_SU_ML                            ? 
_refine.overall_SU_B                             ? 
_refine.pdbx_refine_id                           'X-RAY DIFFRACTION' 
_refine.ls_redundancy_reflns_obs                 ? 
_refine.pdbx_overall_phase_error                 ? 
_refine.correlation_coeff_Fo_to_Fc               ? 
_refine.correlation_coeff_Fo_to_Fc_free          ? 
_refine.pdbx_solvent_vdw_probe_radii             ? 
_refine.pdbx_solvent_ion_probe_radii             ? 
_refine.pdbx_solvent_shrinkage_radii             ? 
_refine.overall_SU_R_Cruickshank_DPI             ? 
_refine.overall_SU_R_free                        ? 
_refine.ls_wR_factor_R_free                      ? 
_refine.ls_wR_factor_R_work                      ? 
_refine.overall_FOM_free_R_set                   ? 
_refine.overall_FOM_work_R_set                   ? 
_refine.pdbx_diffrn_id                           1 
_refine.pdbx_TLS_residual_ADP_flag               ? 
_refine.pdbx_overall_SU_R_free_Cruickshank_DPI   ? 
_refine.pdbx_overall_SU_R_Blow_DPI               ? 
_refine.pdbx_overall_SU_R_free_Blow_DPI          ? 
# 
_refine_analyze.entry_id                        1DNT 
_refine_analyze.Luzzati_coordinate_error_obs    ? 
_refine_analyze.Luzzati_sigma_a_obs             ? 
_refine_analyze.Luzzati_d_res_low_obs           ? 
_refine_analyze.Luzzati_coordinate_error_free   ? 
_refine_analyze.Luzzati_sigma_a_free            ? 
_refine_analyze.Luzzati_d_res_low_free          ? 
_refine_analyze.number_disordered_residues      0 
_refine_analyze.occupancy_sum_hydrogen          0 
_refine_analyze.occupancy_sum_non_hydrogen      460. 
_refine_analyze.pdbx_refine_id                  'X-RAY DIFFRACTION' 
# 
_refine_hist.pdbx_refine_id                   'X-RAY DIFFRACTION' 
_refine_hist.cycle_id                         LAST 
_refine_hist.pdbx_number_atoms_protein        0 
_refine_hist.pdbx_number_atoms_nucleic_acid   408 
_refine_hist.pdbx_number_atoms_ligand         7 
_refine_hist.number_atoms_solvent             45 
_refine_hist.number_atoms_total               460 
_refine_hist.d_res_high                       1.7 
_refine_hist.d_res_low                        10 
# 
loop_
_refine_ls_restr.type 
_refine_ls_restr.dev_ideal 
_refine_ls_restr.dev_ideal_target 
_refine_ls_restr.weight 
_refine_ls_restr.number 
_refine_ls_restr.pdbx_refine_id 
_refine_ls_restr.pdbx_restraint_function 
s_bond_d               0.008 ? ? ? 'X-RAY DIFFRACTION' ? 
s_angle_d              0.022 ? ? ? 'X-RAY DIFFRACTION' ? 
s_similar_dist         ?     ? ? ? 'X-RAY DIFFRACTION' ? 
s_from_restr_planes    0.061 ? ? ? 'X-RAY DIFFRACTION' ? 
s_zero_chiral_vol      ?     ? ? ? 'X-RAY DIFFRACTION' ? 
s_non_zero_chiral_vol  ?     ? ? ? 'X-RAY DIFFRACTION' ? 
s_anti_bump_dis_restr  0.005 ? ? ? 'X-RAY DIFFRACTION' ? 
s_rigid_bond_adp_cmpnt ?     ? ? ? 'X-RAY DIFFRACTION' ? 
s_similar_adp_cmpnt    0.059 ? ? ? 'X-RAY DIFFRACTION' ? 
s_approx_iso_adps      ?     ? ? ? 'X-RAY DIFFRACTION' ? 
# 
_pdbx_refine.entry_id                                    1DNT 
_pdbx_refine.R_factor_all_no_cutoff                      ? 
_pdbx_refine.R_factor_obs_no_cutoff                      ? 
_pdbx_refine.free_R_factor_no_cutoff                     ? 
_pdbx_refine.free_R_val_test_set_size_perc_no_cutoff     ? 
_pdbx_refine.free_R_val_test_set_ct_no_cutoff            ? 
_pdbx_refine.R_factor_all_4sig_cutoff                    0.196 
_pdbx_refine.R_factor_obs_4sig_cutoff                    0.194 
_pdbx_refine.free_R_factor_4sig_cutoff                   0.269 
_pdbx_refine.free_R_val_test_set_size_perc_4sig_cutoff   5 
_pdbx_refine.free_R_val_test_set_ct_4sig_cutoff          293 
_pdbx_refine.number_reflns_obs_4sig_cutoff               5607 
_pdbx_refine.pdbx_refine_id                              'X-RAY DIFFRACTION' 
_pdbx_refine.free_R_error_no_cutoff                      ? 
# 
_struct.entry_id                  1DNT 
_struct.title                     'RNA/DNA DODECAMER R(GC)D(GTATACGC) WITH MAGNESIUM BINDING SITES' 
_struct.pdbx_model_details        ? 
_struct.pdbx_CASP_flag            ? 
_struct.pdbx_model_type_details   ? 
# 
_struct_keywords.entry_id        1DNT 
_struct_keywords.pdbx_keywords   'DNA-RNA HYBRID' 
_struct_keywords.text            
'DNA CONFORMATION, RNA/DNA HYBRID, METAL IONS, DNA-RNA COMPLEX, DNA-RNA HYBRID COMPLEX, DNA-RNA HYBRID' 
# 
loop_
_struct_asym.id 
_struct_asym.pdbx_blank_PDB_chainid_flag 
_struct_asym.pdbx_modified 
_struct_asym.entity_id 
_struct_asym.details 
A N N 1 ? 
B N N 1 ? 
C N N 2 ? 
D N N 3 ? 
E N N 3 ? 
# 
_struct_ref.id                         1 
_struct_ref.entity_id                  1 
_struct_ref.db_name                    PDB 
_struct_ref.db_code                    1DNT 
_struct_ref.pdbx_db_accession          1DNT 
_struct_ref.pdbx_align_begin           ? 
_struct_ref.pdbx_seq_one_letter_code   ? 
_struct_ref.pdbx_db_isoform            ? 
# 
loop_
_struct_ref_seq.align_id 
_struct_ref_seq.ref_id 
_struct_ref_seq.pdbx_PDB_id_code 
_struct_ref_seq.pdbx_strand_id 
_struct_ref_seq.seq_align_beg 
_struct_ref_seq.pdbx_seq_align_beg_ins_code 
_struct_ref_seq.seq_align_end 
_struct_ref_seq.pdbx_seq_align_end_ins_code 
_struct_ref_seq.pdbx_db_accession 
_struct_ref_seq.db_align_beg 
_struct_ref_seq.pdbx_db_align_beg_ins_code 
_struct_ref_seq.db_align_end 
_struct_ref_seq.pdbx_db_align_end_ins_code 
_struct_ref_seq.pdbx_auth_seq_align_beg 
_struct_ref_seq.pdbx_auth_seq_align_end 
1 1 1DNT A 1 ? 10 ? 1DNT 1  ? 10 ? 1  10 
2 1 1DNT B 1 ? 10 ? 1DNT 11 ? 20 ? 11 20 
# 
_pdbx_struct_assembly.id                   1 
_pdbx_struct_assembly.details              author_defined_assembly 
_pdbx_struct_assembly.method_details       ? 
_pdbx_struct_assembly.oligomeric_details   dimeric 
_pdbx_struct_assembly.oligomeric_count     2 
# 
_pdbx_struct_assembly_gen.assembly_id       1 
_pdbx_struct_assembly_gen.oper_expression   1 
_pdbx_struct_assembly_gen.asym_id_list      A,B,C,D,E 
# 
_pdbx_struct_oper_list.id                   1 
_pdbx_struct_oper_list.type                 'identity operation' 
_pdbx_struct_oper_list.name                 1_555 
_pdbx_struct_oper_list.symmetry_operation   x,y,z 
_pdbx_struct_oper_list.matrix[1][1]         1.0000000000 
_pdbx_struct_oper_list.matrix[1][2]         0.0000000000 
_pdbx_struct_oper_list.matrix[1][3]         0.0000000000 
_pdbx_struct_oper_list.vector[1]            0.0000000000 
_pdbx_struct_oper_list.matrix[2][1]         0.0000000000 
_pdbx_struct_oper_list.matrix[2][2]         1.0000000000 
_pdbx_struct_oper_list.matrix[2][3]         0.0000000000 
_pdbx_struct_oper_list.vector[2]            0.0000000000 
_pdbx_struct_oper_list.matrix[3][1]         0.0000000000 
_pdbx_struct_oper_list.matrix[3][2]         0.0000000000 
_pdbx_struct_oper_list.matrix[3][3]         1.0000000000 
_pdbx_struct_oper_list.vector[3]            0.0000000000 
# 
_struct_biol.id        1 
_struct_biol.details   ? 
# 
loop_
_struct_conn.id 
_struct_conn.conn_type_id 
_struct_conn.pdbx_leaving_atom_flag 
_struct_conn.pdbx_PDB_id 
_struct_conn.ptnr1_label_asym_id 
_struct_conn.ptnr1_label_comp_id 
_struct_conn.ptnr1_label_seq_id 
_struct_conn.ptnr1_label_atom_id 
_struct_conn.pdbx_ptnr1_label_alt_id 
_struct_conn.pdbx_ptnr1_PDB_ins_code 
_struct_conn.pdbx_ptnr1_standard_comp_id 
_struct_conn.ptnr1_symmetry 
_struct_conn.ptnr2_label_asym_id 
_struct_conn.ptnr2_label_comp_id 
_struct_conn.ptnr2_label_seq_id 
_struct_conn.ptnr2_label_atom_id 
_struct_conn.pdbx_ptnr2_label_alt_id 
_struct_conn.pdbx_ptnr2_PDB_ins_code 
_struct_conn.ptnr1_auth_asym_id 
_struct_conn.ptnr1_auth_comp_id 
_struct_conn.ptnr1_auth_seq_id 
_struct_conn.ptnr2_auth_asym_id 
_struct_conn.ptnr2_auth_comp_id 
_struct_conn.ptnr2_auth_seq_id 
_struct_conn.ptnr2_symmetry 
_struct_conn.pdbx_ptnr3_label_atom_id 
_struct_conn.pdbx_ptnr3_label_seq_id 
_struct_conn.pdbx_ptnr3_label_comp_id 
_struct_conn.pdbx_ptnr3_label_asym_id 
_struct_conn.pdbx_ptnr3_label_alt_id 
_struct_conn.pdbx_ptnr3_PDB_ins_code 
_struct_conn.details 
_struct_conn.pdbx_dist_value 
_struct_conn.pdbx_value_order 
_struct_conn.pdbx_role 
metalc1  metalc ? ? C MG .  MG ? ? ? 1_555 D HOH .  O  ? ? A MG 21 A HOH 146 1_555 ? ? ? ? ? ? ?            2.055 ? ? 
metalc2  metalc ? ? C MG .  MG ? ? ? 1_555 D HOH .  O  ? ? A MG 21 A HOH 147 1_555 ? ? ? ? ? ? ?            2.053 ? ? 
metalc3  metalc ? ? C MG .  MG ? ? ? 1_555 D HOH .  O  ? ? A MG 21 A HOH 148 1_555 ? ? ? ? ? ? ?            2.068 ? ? 
metalc4  metalc ? ? C MG .  MG ? ? ? 1_555 D HOH .  O  ? ? A MG 21 A HOH 149 1_555 ? ? ? ? ? ? ?            2.063 ? ? 
metalc5  metalc ? ? C MG .  MG ? ? ? 1_555 D HOH .  O  ? ? A MG 21 A HOH 150 1_555 ? ? ? ? ? ? ?            2.057 ? ? 
metalc6  metalc ? ? C MG .  MG ? ? ? 1_555 E HOH .  O  ? ? A MG 21 B HOH 151 1_555 ? ? ? ? ? ? ?            2.059 ? ? 
hydrog1  hydrog ? ? A G  1  N1 ? ? ? 1_555 B DC  10 N3 ? ? A G  1  B DC  20  1_555 ? ? ? ? ? ? WATSON-CRICK ?     ? ? 
hydrog2  hydrog ? ? A G  1  N2 ? ? ? 1_555 B DC  10 O2 ? ? A G  1  B DC  20  1_555 ? ? ? ? ? ? WATSON-CRICK ?     ? ? 
hydrog3  hydrog ? ? A G  1  O6 ? ? ? 1_555 B DC  10 N4 ? ? A G  1  B DC  20  1_555 ? ? ? ? ? ? WATSON-CRICK ?     ? ? 
hydrog4  hydrog ? ? A C  2  N3 ? ? ? 1_555 B DG  9  N1 ? ? A C  2  B DG  19  1_555 ? ? ? ? ? ? WATSON-CRICK ?     ? ? 
hydrog5  hydrog ? ? A C  2  N4 ? ? ? 1_555 B DG  9  O6 ? ? A C  2  B DG  19  1_555 ? ? ? ? ? ? WATSON-CRICK ?     ? ? 
hydrog6  hydrog ? ? A C  2  O2 ? ? ? 1_555 B DG  9  N2 ? ? A C  2  B DG  19  1_555 ? ? ? ? ? ? WATSON-CRICK ?     ? ? 
hydrog7  hydrog ? ? A DG 3  N1 ? ? ? 1_555 B DC  8  N3 ? ? A DG 3  B DC  18  1_555 ? ? ? ? ? ? WATSON-CRICK ?     ? ? 
hydrog8  hydrog ? ? A DG 3  N2 ? ? ? 1_555 B DC  8  O2 ? ? A DG 3  B DC  18  1_555 ? ? ? ? ? ? WATSON-CRICK ?     ? ? 
hydrog9  hydrog ? ? A DG 3  O6 ? ? ? 1_555 B DC  8  N4 ? ? A DG 3  B DC  18  1_555 ? ? ? ? ? ? WATSON-CRICK ?     ? ? 
hydrog10 hydrog ? ? A DT 4  N3 ? ? ? 1_555 B DA  7  N1 ? ? A DT 4  B DA  17  1_555 ? ? ? ? ? ? WATSON-CRICK ?     ? ? 
hydrog11 hydrog ? ? A DT 4  O4 ? ? ? 1_555 B DA  7  N6 ? ? A DT 4  B DA  17  1_555 ? ? ? ? ? ? WATSON-CRICK ?     ? ? 
hydrog12 hydrog ? ? A DA 5  N1 ? ? ? 1_555 B DT  6  N3 ? ? A DA 5  B DT  16  1_555 ? ? ? ? ? ? WATSON-CRICK ?     ? ? 
hydrog13 hydrog ? ? A DA 5  N6 ? ? ? 1_555 B DT  6  O4 ? ? A DA 5  B DT  16  1_555 ? ? ? ? ? ? WATSON-CRICK ?     ? ? 
hydrog14 hydrog ? ? A DT 6  N3 ? ? ? 1_555 B DA  5  N1 ? ? A DT 6  B DA  15  1_555 ? ? ? ? ? ? WATSON-CRICK ?     ? ? 
hydrog15 hydrog ? ? A DT 6  O4 ? ? ? 1_555 B DA  5  N6 ? ? A DT 6  B DA  15  1_555 ? ? ? ? ? ? WATSON-CRICK ?     ? ? 
hydrog16 hydrog ? ? A DA 7  N1 ? ? ? 1_555 B DT  4  N3 ? ? A DA 7  B DT  14  1_555 ? ? ? ? ? ? WATSON-CRICK ?     ? ? 
hydrog17 hydrog ? ? A DA 7  N6 ? ? ? 1_555 B DT  4  O4 ? ? A DA 7  B DT  14  1_555 ? ? ? ? ? ? WATSON-CRICK ?     ? ? 
hydrog18 hydrog ? ? A DC 8  N3 ? ? ? 1_555 B DG  3  N1 ? ? A DC 8  B DG  13  1_555 ? ? ? ? ? ? WATSON-CRICK ?     ? ? 
hydrog19 hydrog ? ? A DC 8  N4 ? ? ? 1_555 B DG  3  O6 ? ? A DC 8  B DG  13  1_555 ? ? ? ? ? ? WATSON-CRICK ?     ? ? 
hydrog20 hydrog ? ? A DC 8  O2 ? ? ? 1_555 B DG  3  N2 ? ? A DC 8  B DG  13  1_555 ? ? ? ? ? ? WATSON-CRICK ?     ? ? 
hydrog21 hydrog ? ? A DG 9  N1 ? ? ? 1_555 B C   2  N3 ? ? A DG 9  B C   12  1_555 ? ? ? ? ? ? WATSON-CRICK ?     ? ? 
hydrog22 hydrog ? ? A DG 9  N2 ? ? ? 1_555 B C   2  O2 ? ? A DG 9  B C   12  1_555 ? ? ? ? ? ? WATSON-CRICK ?     ? ? 
hydrog23 hydrog ? ? A DG 9  O6 ? ? ? 1_555 B C   2  N4 ? ? A DG 9  B C   12  1_555 ? ? ? ? ? ? WATSON-CRICK ?     ? ? 
hydrog24 hydrog ? ? A DC 10 N3 ? ? ? 1_555 B G   1  N1 ? ? A DC 10 B G   11  1_555 ? ? ? ? ? ? WATSON-CRICK ?     ? ? 
hydrog25 hydrog ? ? A DC 10 N4 ? ? ? 1_555 B G   1  O6 ? ? A DC 10 B G   11  1_555 ? ? ? ? ? ? WATSON-CRICK ?     ? ? 
hydrog26 hydrog ? ? A DC 10 O2 ? ? ? 1_555 B G   1  N2 ? ? A DC 10 B G   11  1_555 ? ? ? ? ? ? WATSON-CRICK ?     ? ? 
# 
loop_
_struct_conn_type.id 
_struct_conn_type.criteria 
_struct_conn_type.reference 
metalc ? ? 
hydrog ? ? 
# 
loop_
_pdbx_struct_conn_angle.id 
_pdbx_struct_conn_angle.ptnr1_label_atom_id 
_pdbx_struct_conn_angle.ptnr1_label_alt_id 
_pdbx_struct_conn_angle.ptnr1_label_asym_id 
_pdbx_struct_conn_angle.ptnr1_label_comp_id 
_pdbx_struct_conn_angle.ptnr1_label_seq_id 
_pdbx_struct_conn_angle.ptnr1_auth_atom_id 
_pdbx_struct_conn_angle.ptnr1_auth_asym_id 
_pdbx_struct_conn_angle.ptnr1_auth_comp_id 
_pdbx_struct_conn_angle.ptnr1_auth_seq_id 
_pdbx_struct_conn_angle.ptnr1_PDB_ins_code 
_pdbx_struct_conn_angle.ptnr1_symmetry 
_pdbx_struct_conn_angle.ptnr2_label_atom_id 
_pdbx_struct_conn_angle.ptnr2_label_alt_id 
_pdbx_struct_conn_angle.ptnr2_label_asym_id 
_pdbx_struct_conn_angle.ptnr2_label_comp_id 
_pdbx_struct_conn_angle.ptnr2_label_seq_id 
_pdbx_struct_conn_angle.ptnr2_auth_atom_id 
_pdbx_struct_conn_angle.ptnr2_auth_asym_id 
_pdbx_struct_conn_angle.ptnr2_auth_comp_id 
_pdbx_struct_conn_angle.ptnr2_auth_seq_id 
_pdbx_struct_conn_angle.ptnr2_PDB_ins_code 
_pdbx_struct_conn_angle.ptnr2_symmetry 
_pdbx_struct_conn_angle.ptnr3_label_atom_id 
_pdbx_struct_conn_angle.ptnr3_label_alt_id 
_pdbx_struct_conn_angle.ptnr3_label_asym_id 
_pdbx_struct_conn_angle.ptnr3_label_comp_id 
_pdbx_struct_conn_angle.ptnr3_label_seq_id 
_pdbx_struct_conn_angle.ptnr3_auth_atom_id 
_pdbx_struct_conn_angle.ptnr3_auth_asym_id 
_pdbx_struct_conn_angle.ptnr3_auth_comp_id 
_pdbx_struct_conn_angle.ptnr3_auth_seq_id 
_pdbx_struct_conn_angle.ptnr3_PDB_ins_code 
_pdbx_struct_conn_angle.ptnr3_symmetry 
_pdbx_struct_conn_angle.value 
_pdbx_struct_conn_angle.value_esd 
1  O ? D HOH . ? A HOH 146 ? 1_555 MG ? C MG . ? A MG 21 ? 1_555 O ? D HOH . ? A HOH 147 ? 1_555 178.1 ? 
2  O ? D HOH . ? A HOH 146 ? 1_555 MG ? C MG . ? A MG 21 ? 1_555 O ? D HOH . ? A HOH 148 ? 1_555 89.3  ? 
3  O ? D HOH . ? A HOH 147 ? 1_555 MG ? C MG . ? A MG 21 ? 1_555 O ? D HOH . ? A HOH 148 ? 1_555 89.4  ? 
4  O ? D HOH . ? A HOH 146 ? 1_555 MG ? C MG . ? A MG 21 ? 1_555 O ? D HOH . ? A HOH 149 ? 1_555 88.9  ? 
5  O ? D HOH . ? A HOH 147 ? 1_555 MG ? C MG . ? A MG 21 ? 1_555 O ? D HOH . ? A HOH 149 ? 1_555 89.7  ? 
6  O ? D HOH . ? A HOH 148 ? 1_555 MG ? C MG . ? A MG 21 ? 1_555 O ? D HOH . ? A HOH 149 ? 1_555 90.0  ? 
7  O ? D HOH . ? A HOH 146 ? 1_555 MG ? C MG . ? A MG 21 ? 1_555 O ? D HOH . ? A HOH 150 ? 1_555 90.7  ? 
8  O ? D HOH . ? A HOH 147 ? 1_555 MG ? C MG . ? A MG 21 ? 1_555 O ? D HOH . ? A HOH 150 ? 1_555 90.6  ? 
9  O ? D HOH . ? A HOH 148 ? 1_555 MG ? C MG . ? A MG 21 ? 1_555 O ? D HOH . ? A HOH 150 ? 1_555 179.9 ? 
10 O ? D HOH . ? A HOH 149 ? 1_555 MG ? C MG . ? A MG 21 ? 1_555 O ? D HOH . ? A HOH 150 ? 1_555 90.0  ? 
11 O ? D HOH . ? A HOH 146 ? 1_555 MG ? C MG . ? A MG 21 ? 1_555 O ? E HOH . ? B HOH 151 ? 1_555 90.4  ? 
12 O ? D HOH . ? A HOH 147 ? 1_555 MG ? C MG . ? A MG 21 ? 1_555 O ? E HOH . ? B HOH 151 ? 1_555 90.9  ? 
13 O ? D HOH . ? A HOH 148 ? 1_555 MG ? C MG . ? A MG 21 ? 1_555 O ? E HOH . ? B HOH 151 ? 1_555 90.0  ? 
14 O ? D HOH . ? A HOH 149 ? 1_555 MG ? C MG . ? A MG 21 ? 1_555 O ? E HOH . ? B HOH 151 ? 1_555 179.3 ? 
15 O ? D HOH . ? A HOH 150 ? 1_555 MG ? C MG . ? A MG 21 ? 1_555 O ? E HOH . ? B HOH 151 ? 1_555 90.1  ? 
# 
_struct_site.id                   AC1 
_struct_site.pdbx_evidence_code   Software 
_struct_site.pdbx_auth_asym_id    A 
_struct_site.pdbx_auth_comp_id    MG 
_struct_site.pdbx_auth_seq_id     21 
_struct_site.pdbx_auth_ins_code   ? 
_struct_site.pdbx_num_residues    6 
_struct_site.details              'BINDING SITE FOR RESIDUE MG A 21' 
# 
loop_
_struct_site_gen.id 
_struct_site_gen.site_id 
_struct_site_gen.pdbx_num_res 
_struct_site_gen.label_comp_id 
_struct_site_gen.label_asym_id 
_struct_site_gen.label_seq_id 
_struct_site_gen.pdbx_auth_ins_code 
_struct_site_gen.auth_comp_id 
_struct_site_gen.auth_asym_id 
_struct_site_gen.auth_seq_id 
_struct_site_gen.label_atom_id 
_struct_site_gen.label_alt_id 
_struct_site_gen.symmetry 
_struct_site_gen.details 
1 AC1 6 HOH D . ? HOH A 146 . ? 1_555 ? 
2 AC1 6 HOH D . ? HOH A 147 . ? 1_555 ? 
3 AC1 6 HOH D . ? HOH A 148 . ? 1_555 ? 
4 AC1 6 HOH D . ? HOH A 149 . ? 1_555 ? 
5 AC1 6 HOH D . ? HOH A 150 . ? 1_555 ? 
6 AC1 6 HOH E . ? HOH B 151 . ? 1_555 ? 
# 
loop_
_pdbx_validate_rmsd_angle.id 
_pdbx_validate_rmsd_angle.PDB_model_num 
_pdbx_validate_rmsd_angle.auth_atom_id_1 
_pdbx_validate_rmsd_angle.auth_asym_id_1 
_pdbx_validate_rmsd_angle.auth_comp_id_1 
_pdbx_validate_rmsd_angle.auth_seq_id_1 
_pdbx_validate_rmsd_angle.PDB_ins_code_1 
_pdbx_validate_rmsd_angle.label_alt_id_1 
_pdbx_validate_rmsd_angle.auth_atom_id_2 
_pdbx_validate_rmsd_angle.auth_asym_id_2 
_pdbx_validate_rmsd_angle.auth_comp_id_2 
_pdbx_validate_rmsd_angle.auth_seq_id_2 
_pdbx_validate_rmsd_angle.PDB_ins_code_2 
_pdbx_validate_rmsd_angle.label_alt_id_2 
_pdbx_validate_rmsd_angle.auth_atom_id_3 
_pdbx_validate_rmsd_angle.auth_asym_id_3 
_pdbx_validate_rmsd_angle.auth_comp_id_3 
_pdbx_validate_rmsd_angle.auth_seq_id_3 
_pdbx_validate_rmsd_angle.PDB_ins_code_3 
_pdbx_validate_rmsd_angle.label_alt_id_3 
_pdbx_validate_rmsd_angle.angle_value 
_pdbx_validate_rmsd_angle.angle_target_value 
_pdbx_validate_rmsd_angle.angle_deviation 
_pdbx_validate_rmsd_angle.angle_standard_deviation 
_pdbx_validate_rmsd_angle.linker_flag 
1  1 "O4'" A DG 3  ? ? "C4'" A DG 3  ? ? "C3'" A DG 3  ? ? 101.70 104.50 -2.80 0.40 N 
2  1 "O5'" A DA 5  ? ? "C5'" A DA 5  ? ? "C4'" A DA 5  ? ? 104.11 109.40 -5.29 0.80 N 
3  1 "O4'" A DT 6  ? ? "C4'" A DT 6  ? ? "C3'" A DT 6  ? ? 101.93 104.50 -2.57 0.40 N 
4  1 "O4'" A DA 7  ? ? "C4'" A DA 7  ? ? "C3'" A DA 7  ? ? 101.93 104.50 -2.57 0.40 N 
5  1 "O4'" A DG 9  ? ? "C4'" A DG 9  ? ? "C3'" A DG 9  ? ? 101.21 104.50 -3.29 0.40 N 
6  1 "O4'" A DC 10 ? ? "C4'" A DC 10 ? ? "C3'" A DC 10 ? ? 102.08 104.50 -2.42 0.40 N 
7  1 "O4'" B DT 14 ? ? "C4'" B DT 14 ? ? "C3'" B DT 14 ? ? 101.83 104.50 -2.67 0.40 N 
8  1 N3    B DT 14 ? ? C2    B DT 14 ? ? O2    B DT 14 ? ? 126.50 122.30 4.20  0.60 N 
9  1 "O4'" B DT 16 ? ? "C4'" B DT 16 ? ? "C3'" B DT 16 ? ? 101.63 104.50 -2.87 0.40 N 
10 1 "O4'" B DA 17 ? ? "C4'" B DA 17 ? ? "C3'" B DA 17 ? ? 101.90 104.50 -2.60 0.40 N 
# 
loop_
_pdbx_validate_planes.id 
_pdbx_validate_planes.PDB_model_num 
_pdbx_validate_planes.auth_comp_id 
_pdbx_validate_planes.auth_asym_id 
_pdbx_validate_planes.auth_seq_id 
_pdbx_validate_planes.PDB_ins_code 
_pdbx_validate_planes.label_alt_id 
_pdbx_validate_planes.rmsd 
_pdbx_validate_planes.type 
1 1 DC B 18 ? ? 0.083 'SIDE CHAIN' 
2 1 DG B 19 ? ? 0.071 'SIDE CHAIN' 
# 
loop_
_chem_comp_atom.comp_id 
_chem_comp_atom.atom_id 
_chem_comp_atom.type_symbol 
_chem_comp_atom.pdbx_aromatic_flag 
_chem_comp_atom.pdbx_stereo_config 
_chem_comp_atom.pdbx_ordinal 
C   OP3    O  N N 1   
C   P      P  N N 2   
C   OP1    O  N N 3   
C   OP2    O  N N 4   
C   "O5'"  O  N N 5   
C   "C5'"  C  N N 6   
C   "C4'"  C  N R 7   
C   "O4'"  O  N N 8   
C   "C3'"  C  N S 9   
C   "O3'"  O  N N 10  
C   "C2'"  C  N R 11  
C   "O2'"  O  N N 12  
C   "C1'"  C  N R 13  
C   N1     N  N N 14  
C   C2     C  N N 15  
C   O2     O  N N 16  
C   N3     N  N N 17  
C   C4     C  N N 18  
C   N4     N  N N 19  
C   C5     C  N N 20  
C   C6     C  N N 21  
C   HOP3   H  N N 22  
C   HOP2   H  N N 23  
C   "H5'"  H  N N 24  
C   "H5''" H  N N 25  
C   "H4'"  H  N N 26  
C   "H3'"  H  N N 27  
C   "HO3'" H  N N 28  
C   "H2'"  H  N N 29  
C   "HO2'" H  N N 30  
C   "H1'"  H  N N 31  
C   H41    H  N N 32  
C   H42    H  N N 33  
C   H5     H  N N 34  
C   H6     H  N N 35  
DA  OP3    O  N N 36  
DA  P      P  N N 37  
DA  OP1    O  N N 38  
DA  OP2    O  N N 39  
DA  "O5'"  O  N N 40  
DA  "C5'"  C  N N 41  
DA  "C4'"  C  N R 42  
DA  "O4'"  O  N N 43  
DA  "C3'"  C  N S 44  
DA  "O3'"  O  N N 45  
DA  "C2'"  C  N N 46  
DA  "C1'"  C  N R 47  
DA  N9     N  Y N 48  
DA  C8     C  Y N 49  
DA  N7     N  Y N 50  
DA  C5     C  Y N 51  
DA  C6     C  Y N 52  
DA  N6     N  N N 53  
DA  N1     N  Y N 54  
DA  C2     C  Y N 55  
DA  N3     N  Y N 56  
DA  C4     C  Y N 57  
DA  HOP3   H  N N 58  
DA  HOP2   H  N N 59  
DA  "H5'"  H  N N 60  
DA  "H5''" H  N N 61  
DA  "H4'"  H  N N 62  
DA  "H3'"  H  N N 63  
DA  "HO3'" H  N N 64  
DA  "H2'"  H  N N 65  
DA  "H2''" H  N N 66  
DA  "H1'"  H  N N 67  
DA  H8     H  N N 68  
DA  H61    H  N N 69  
DA  H62    H  N N 70  
DA  H2     H  N N 71  
DC  OP3    O  N N 72  
DC  P      P  N N 73  
DC  OP1    O  N N 74  
DC  OP2    O  N N 75  
DC  "O5'"  O  N N 76  
DC  "C5'"  C  N N 77  
DC  "C4'"  C  N R 78  
DC  "O4'"  O  N N 79  
DC  "C3'"  C  N S 80  
DC  "O3'"  O  N N 81  
DC  "C2'"  C  N N 82  
DC  "C1'"  C  N R 83  
DC  N1     N  N N 84  
DC  C2     C  N N 85  
DC  O2     O  N N 86  
DC  N3     N  N N 87  
DC  C4     C  N N 88  
DC  N4     N  N N 89  
DC  C5     C  N N 90  
DC  C6     C  N N 91  
DC  HOP3   H  N N 92  
DC  HOP2   H  N N 93  
DC  "H5'"  H  N N 94  
DC  "H5''" H  N N 95  
DC  "H4'"  H  N N 96  
DC  "H3'"  H  N N 97  
DC  "HO3'" H  N N 98  
DC  "H2'"  H  N N 99  
DC  "H2''" H  N N 100 
DC  "H1'"  H  N N 101 
DC  H41    H  N N 102 
DC  H42    H  N N 103 
DC  H5     H  N N 104 
DC  H6     H  N N 105 
DG  OP3    O  N N 106 
DG  P      P  N N 107 
DG  OP1    O  N N 108 
DG  OP2    O  N N 109 
DG  "O5'"  O  N N 110 
DG  "C5'"  C  N N 111 
DG  "C4'"  C  N R 112 
DG  "O4'"  O  N N 113 
DG  "C3'"  C  N S 114 
DG  "O3'"  O  N N 115 
DG  "C2'"  C  N N 116 
DG  "C1'"  C  N R 117 
DG  N9     N  Y N 118 
DG  C8     C  Y N 119 
DG  N7     N  Y N 120 
DG  C5     C  Y N 121 
DG  C6     C  N N 122 
DG  O6     O  N N 123 
DG  N1     N  N N 124 
DG  C2     C  N N 125 
DG  N2     N  N N 126 
DG  N3     N  N N 127 
DG  C4     C  Y N 128 
DG  HOP3   H  N N 129 
DG  HOP2   H  N N 130 
DG  "H5'"  H  N N 131 
DG  "H5''" H  N N 132 
DG  "H4'"  H  N N 133 
DG  "H3'"  H  N N 134 
DG  "HO3'" H  N N 135 
DG  "H2'"  H  N N 136 
DG  "H2''" H  N N 137 
DG  "H1'"  H  N N 138 
DG  H8     H  N N 139 
DG  H1     H  N N 140 
DG  H21    H  N N 141 
DG  H22    H  N N 142 
DT  OP3    O  N N 143 
DT  P      P  N N 144 
DT  OP1    O  N N 145 
DT  OP2    O  N N 146 
DT  "O5'"  O  N N 147 
DT  "C5'"  C  N N 148 
DT  "C4'"  C  N R 149 
DT  "O4'"  O  N N 150 
DT  "C3'"  C  N S 151 
DT  "O3'"  O  N N 152 
DT  "C2'"  C  N N 153 
DT  "C1'"  C  N R 154 
DT  N1     N  N N 155 
DT  C2     C  N N 156 
DT  O2     O  N N 157 
DT  N3     N  N N 158 
DT  C4     C  N N 159 
DT  O4     O  N N 160 
DT  C5     C  N N 161 
DT  C7     C  N N 162 
DT  C6     C  N N 163 
DT  HOP3   H  N N 164 
DT  HOP2   H  N N 165 
DT  "H5'"  H  N N 166 
DT  "H5''" H  N N 167 
DT  "H4'"  H  N N 168 
DT  "H3'"  H  N N 169 
DT  "HO3'" H  N N 170 
DT  "H2'"  H  N N 171 
DT  "H2''" H  N N 172 
DT  "H1'"  H  N N 173 
DT  H3     H  N N 174 
DT  H71    H  N N 175 
DT  H72    H  N N 176 
DT  H73    H  N N 177 
DT  H6     H  N N 178 
G   OP3    O  N N 179 
G   P      P  N N 180 
G   OP1    O  N N 181 
G   OP2    O  N N 182 
G   "O5'"  O  N N 183 
G   "C5'"  C  N N 184 
G   "C4'"  C  N R 185 
G   "O4'"  O  N N 186 
G   "C3'"  C  N S 187 
G   "O3'"  O  N N 188 
G   "C2'"  C  N R 189 
G   "O2'"  O  N N 190 
G   "C1'"  C  N R 191 
G   N9     N  Y N 192 
G   C8     C  Y N 193 
G   N7     N  Y N 194 
G   C5     C  Y N 195 
G   C6     C  N N 196 
G   O6     O  N N 197 
G   N1     N  N N 198 
G   C2     C  N N 199 
G   N2     N  N N 200 
G   N3     N  N N 201 
G   C4     C  Y N 202 
G   HOP3   H  N N 203 
G   HOP2   H  N N 204 
G   "H5'"  H  N N 205 
G   "H5''" H  N N 206 
G   "H4'"  H  N N 207 
G   "H3'"  H  N N 208 
G   "HO3'" H  N N 209 
G   "H2'"  H  N N 210 
G   "HO2'" H  N N 211 
G   "H1'"  H  N N 212 
G   H8     H  N N 213 
G   H1     H  N N 214 
G   H21    H  N N 215 
G   H22    H  N N 216 
HOH O      O  N N 217 
HOH H1     H  N N 218 
HOH H2     H  N N 219 
MG  MG     MG N N 220 
# 
loop_
_chem_comp_bond.comp_id 
_chem_comp_bond.atom_id_1 
_chem_comp_bond.atom_id_2 
_chem_comp_bond.value_order 
_chem_comp_bond.pdbx_aromatic_flag 
_chem_comp_bond.pdbx_stereo_config 
_chem_comp_bond.pdbx_ordinal 
C   OP3   P      sing N N 1   
C   OP3   HOP3   sing N N 2   
C   P     OP1    doub N N 3   
C   P     OP2    sing N N 4   
C   P     "O5'"  sing N N 5   
C   OP2   HOP2   sing N N 6   
C   "O5'" "C5'"  sing N N 7   
C   "C5'" "C4'"  sing N N 8   
C   "C5'" "H5'"  sing N N 9   
C   "C5'" "H5''" sing N N 10  
C   "C4'" "O4'"  sing N N 11  
C   "C4'" "C3'"  sing N N 12  
C   "C4'" "H4'"  sing N N 13  
C   "O4'" "C1'"  sing N N 14  
C   "C3'" "O3'"  sing N N 15  
C   "C3'" "C2'"  sing N N 16  
C   "C3'" "H3'"  sing N N 17  
C   "O3'" "HO3'" sing N N 18  
C   "C2'" "O2'"  sing N N 19  
C   "C2'" "C1'"  sing N N 20  
C   "C2'" "H2'"  sing N N 21  
C   "O2'" "HO2'" sing N N 22  
C   "C1'" N1     sing N N 23  
C   "C1'" "H1'"  sing N N 24  
C   N1    C2     sing N N 25  
C   N1    C6     sing N N 26  
C   C2    O2     doub N N 27  
C   C2    N3     sing N N 28  
C   N3    C4     doub N N 29  
C   C4    N4     sing N N 30  
C   C4    C5     sing N N 31  
C   N4    H41    sing N N 32  
C   N4    H42    sing N N 33  
C   C5    C6     doub N N 34  
C   C5    H5     sing N N 35  
C   C6    H6     sing N N 36  
DA  OP3   P      sing N N 37  
DA  OP3   HOP3   sing N N 38  
DA  P     OP1    doub N N 39  
DA  P     OP2    sing N N 40  
DA  P     "O5'"  sing N N 41  
DA  OP2   HOP2   sing N N 42  
DA  "O5'" "C5'"  sing N N 43  
DA  "C5'" "C4'"  sing N N 44  
DA  "C5'" "H5'"  sing N N 45  
DA  "C5'" "H5''" sing N N 46  
DA  "C4'" "O4'"  sing N N 47  
DA  "C4'" "C3'"  sing N N 48  
DA  "C4'" "H4'"  sing N N 49  
DA  "O4'" "C1'"  sing N N 50  
DA  "C3'" "O3'"  sing N N 51  
DA  "C3'" "C2'"  sing N N 52  
DA  "C3'" "H3'"  sing N N 53  
DA  "O3'" "HO3'" sing N N 54  
DA  "C2'" "C1'"  sing N N 55  
DA  "C2'" "H2'"  sing N N 56  
DA  "C2'" "H2''" sing N N 57  
DA  "C1'" N9     sing N N 58  
DA  "C1'" "H1'"  sing N N 59  
DA  N9    C8     sing Y N 60  
DA  N9    C4     sing Y N 61  
DA  C8    N7     doub Y N 62  
DA  C8    H8     sing N N 63  
DA  N7    C5     sing Y N 64  
DA  C5    C6     sing Y N 65  
DA  C5    C4     doub Y N 66  
DA  C6    N6     sing N N 67  
DA  C6    N1     doub Y N 68  
DA  N6    H61    sing N N 69  
DA  N6    H62    sing N N 70  
DA  N1    C2     sing Y N 71  
DA  C2    N3     doub Y N 72  
DA  C2    H2     sing N N 73  
DA  N3    C4     sing Y N 74  
DC  OP3   P      sing N N 75  
DC  OP3   HOP3   sing N N 76  
DC  P     OP1    doub N N 77  
DC  P     OP2    sing N N 78  
DC  P     "O5'"  sing N N 79  
DC  OP2   HOP2   sing N N 80  
DC  "O5'" "C5'"  sing N N 81  
DC  "C5'" "C4'"  sing N N 82  
DC  "C5'" "H5'"  sing N N 83  
DC  "C5'" "H5''" sing N N 84  
DC  "C4'" "O4'"  sing N N 85  
DC  "C4'" "C3'"  sing N N 86  
DC  "C4'" "H4'"  sing N N 87  
DC  "O4'" "C1'"  sing N N 88  
DC  "C3'" "O3'"  sing N N 89  
DC  "C3'" "C2'"  sing N N 90  
DC  "C3'" "H3'"  sing N N 91  
DC  "O3'" "HO3'" sing N N 92  
DC  "C2'" "C1'"  sing N N 93  
DC  "C2'" "H2'"  sing N N 94  
DC  "C2'" "H2''" sing N N 95  
DC  "C1'" N1     sing N N 96  
DC  "C1'" "H1'"  sing N N 97  
DC  N1    C2     sing N N 98  
DC  N1    C6     sing N N 99  
DC  C2    O2     doub N N 100 
DC  C2    N3     sing N N 101 
DC  N3    C4     doub N N 102 
DC  C4    N4     sing N N 103 
DC  C4    C5     sing N N 104 
DC  N4    H41    sing N N 105 
DC  N4    H42    sing N N 106 
DC  C5    C6     doub N N 107 
DC  C5    H5     sing N N 108 
DC  C6    H6     sing N N 109 
DG  OP3   P      sing N N 110 
DG  OP3   HOP3   sing N N 111 
DG  P     OP1    doub N N 112 
DG  P     OP2    sing N N 113 
DG  P     "O5'"  sing N N 114 
DG  OP2   HOP2   sing N N 115 
DG  "O5'" "C5'"  sing N N 116 
DG  "C5'" "C4'"  sing N N 117 
DG  "C5'" "H5'"  sing N N 118 
DG  "C5'" "H5''" sing N N 119 
DG  "C4'" "O4'"  sing N N 120 
DG  "C4'" "C3'"  sing N N 121 
DG  "C4'" "H4'"  sing N N 122 
DG  "O4'" "C1'"  sing N N 123 
DG  "C3'" "O3'"  sing N N 124 
DG  "C3'" "C2'"  sing N N 125 
DG  "C3'" "H3'"  sing N N 126 
DG  "O3'" "HO3'" sing N N 127 
DG  "C2'" "C1'"  sing N N 128 
DG  "C2'" "H2'"  sing N N 129 
DG  "C2'" "H2''" sing N N 130 
DG  "C1'" N9     sing N N 131 
DG  "C1'" "H1'"  sing N N 132 
DG  N9    C8     sing Y N 133 
DG  N9    C4     sing Y N 134 
DG  C8    N7     doub Y N 135 
DG  C8    H8     sing N N 136 
DG  N7    C5     sing Y N 137 
DG  C5    C6     sing N N 138 
DG  C5    C4     doub Y N 139 
DG  C6    O6     doub N N 140 
DG  C6    N1     sing N N 141 
DG  N1    C2     sing N N 142 
DG  N1    H1     sing N N 143 
DG  C2    N2     sing N N 144 
DG  C2    N3     doub N N 145 
DG  N2    H21    sing N N 146 
DG  N2    H22    sing N N 147 
DG  N3    C4     sing N N 148 
DT  OP3   P      sing N N 149 
DT  OP3   HOP3   sing N N 150 
DT  P     OP1    doub N N 151 
DT  P     OP2    sing N N 152 
DT  P     "O5'"  sing N N 153 
DT  OP2   HOP2   sing N N 154 
DT  "O5'" "C5'"  sing N N 155 
DT  "C5'" "C4'"  sing N N 156 
DT  "C5'" "H5'"  sing N N 157 
DT  "C5'" "H5''" sing N N 158 
DT  "C4'" "O4'"  sing N N 159 
DT  "C4'" "C3'"  sing N N 160 
DT  "C4'" "H4'"  sing N N 161 
DT  "O4'" "C1'"  sing N N 162 
DT  "C3'" "O3'"  sing N N 163 
DT  "C3'" "C2'"  sing N N 164 
DT  "C3'" "H3'"  sing N N 165 
DT  "O3'" "HO3'" sing N N 166 
DT  "C2'" "C1'"  sing N N 167 
DT  "C2'" "H2'"  sing N N 168 
DT  "C2'" "H2''" sing N N 169 
DT  "C1'" N1     sing N N 170 
DT  "C1'" "H1'"  sing N N 171 
DT  N1    C2     sing N N 172 
DT  N1    C6     sing N N 173 
DT  C2    O2     doub N N 174 
DT  C2    N3     sing N N 175 
DT  N3    C4     sing N N 176 
DT  N3    H3     sing N N 177 
DT  C4    O4     doub N N 178 
DT  C4    C5     sing N N 179 
DT  C5    C7     sing N N 180 
DT  C5    C6     doub N N 181 
DT  C7    H71    sing N N 182 
DT  C7    H72    sing N N 183 
DT  C7    H73    sing N N 184 
DT  C6    H6     sing N N 185 
G   OP3   P      sing N N 186 
G   OP3   HOP3   sing N N 187 
G   P     OP1    doub N N 188 
G   P     OP2    sing N N 189 
G   P     "O5'"  sing N N 190 
G   OP2   HOP2   sing N N 191 
G   "O5'" "C5'"  sing N N 192 
G   "C5'" "C4'"  sing N N 193 
G   "C5'" "H5'"  sing N N 194 
G   "C5'" "H5''" sing N N 195 
G   "C4'" "O4'"  sing N N 196 
G   "C4'" "C3'"  sing N N 197 
G   "C4'" "H4'"  sing N N 198 
G   "O4'" "C1'"  sing N N 199 
G   "C3'" "O3'"  sing N N 200 
G   "C3'" "C2'"  sing N N 201 
G   "C3'" "H3'"  sing N N 202 
G   "O3'" "HO3'" sing N N 203 
G   "C2'" "O2'"  sing N N 204 
G   "C2'" "C1'"  sing N N 205 
G   "C2'" "H2'"  sing N N 206 
G   "O2'" "HO2'" sing N N 207 
G   "C1'" N9     sing N N 208 
G   "C1'" "H1'"  sing N N 209 
G   N9    C8     sing Y N 210 
G   N9    C4     sing Y N 211 
G   C8    N7     doub Y N 212 
G   C8    H8     sing N N 213 
G   N7    C5     sing Y N 214 
G   C5    C6     sing N N 215 
G   C5    C4     doub Y N 216 
G   C6    O6     doub N N 217 
G   C6    N1     sing N N 218 
G   N1    C2     sing N N 219 
G   N1    H1     sing N N 220 
G   C2    N2     sing N N 221 
G   C2    N3     doub N N 222 
G   N2    H21    sing N N 223 
G   N2    H22    sing N N 224 
G   N3    C4     sing N N 225 
HOH O     H1     sing N N 226 
HOH O     H2     sing N N 227 
# 
_ndb_struct_conf_na.entry_id   1DNT 
_ndb_struct_conf_na.feature    'a-form double helix' 
# 
loop_
_ndb_struct_na_base_pair.model_number 
_ndb_struct_na_base_pair.i_label_asym_id 
_ndb_struct_na_base_pair.i_label_comp_id 
_ndb_struct_na_base_pair.i_label_seq_id 
_ndb_struct_na_base_pair.i_symmetry 
_ndb_struct_na_base_pair.j_label_asym_id 
_ndb_struct_na_base_pair.j_label_comp_id 
_ndb_struct_na_base_pair.j_label_seq_id 
_ndb_struct_na_base_pair.j_symmetry 
_ndb_struct_na_base_pair.shear 
_ndb_struct_na_base_pair.stretch 
_ndb_struct_na_base_pair.stagger 
_ndb_struct_na_base_pair.buckle 
_ndb_struct_na_base_pair.propeller 
_ndb_struct_na_base_pair.opening 
_ndb_struct_na_base_pair.pair_number 
_ndb_struct_na_base_pair.pair_name 
_ndb_struct_na_base_pair.i_auth_asym_id 
_ndb_struct_na_base_pair.i_auth_seq_id 
_ndb_struct_na_base_pair.i_PDB_ins_code 
_ndb_struct_na_base_pair.j_auth_asym_id 
_ndb_struct_na_base_pair.j_auth_seq_id 
_ndb_struct_na_base_pair.j_PDB_ins_code 
_ndb_struct_na_base_pair.hbond_type_28 
_ndb_struct_na_base_pair.hbond_type_12 
1 A G  1  1_555 B DC 10 1_555 -0.364 -0.203 0.175  1.785   -5.320  -4.527 1  A_G1:DC20_B  A 1  ? B 20 ? 19 1 
1 A C  2  1_555 B DG 9  1_555 0.169  -0.045 -0.094 3.458   -14.015 2.492  2  A_C2:DG19_B  A 2  ? B 19 ? 19 1 
1 A DG 3  1_555 B DC 8  1_555 -0.085 -0.027 -0.347 -17.842 -4.358  -1.135 3  A_DG3:DC18_B A 3  ? B 18 ? 19 1 
1 A DT 4  1_555 B DA 7  1_555 -0.165 -0.127 -0.054 -5.781  -10.435 -0.387 4  A_DT4:DA17_B A 4  ? B 17 ? 20 1 
1 A DA 5  1_555 B DT 6  1_555 0.100  -0.185 0.451  -0.780  -11.470 -2.806 5  A_DA5:DT16_B A 5  ? B 16 ? 20 1 
1 A DT 6  1_555 B DA 5  1_555 -0.033 -0.143 0.397  6.409   -15.330 6.112  6  A_DT6:DA15_B A 6  ? B 15 ? 20 1 
1 A DA 7  1_555 B DT 4  1_555 -0.012 -0.062 0.060  9.952   -15.645 1.810  7  A_DA7:DT14_B A 7  ? B 14 ? 20 1 
1 A DC 8  1_555 B DG 3  1_555 0.206  -0.114 -0.229 7.995   -12.516 0.109  8  A_DC8:DG13_B A 8  ? B 13 ? 19 1 
1 A DG 9  1_555 B C  2  1_555 -0.169 -0.018 0.065  -0.304  0.877   4.334  9  A_DG9:C12_B  A 9  ? B 12 ? 19 1 
1 A DC 10 1_555 B G  1  1_555 0.281  -0.076 0.012  5.446   5.330   -1.386 10 A_DC10:G11_B A 10 ? B 11 ? 19 1 
# 
loop_
_ndb_struct_na_base_pair_step.model_number 
_ndb_struct_na_base_pair_step.i_label_asym_id_1 
_ndb_struct_na_base_pair_step.i_label_comp_id_1 
_ndb_struct_na_base_pair_step.i_label_seq_id_1 
_ndb_struct_na_base_pair_step.i_symmetry_1 
_ndb_struct_na_base_pair_step.j_label_asym_id_1 
_ndb_struct_na_base_pair_step.j_label_comp_id_1 
_ndb_struct_na_base_pair_step.j_label_seq_id_1 
_ndb_struct_na_base_pair_step.j_symmetry_1 
_ndb_struct_na_base_pair_step.i_label_asym_id_2 
_ndb_struct_na_base_pair_step.i_label_comp_id_2 
_ndb_struct_na_base_pair_step.i_label_seq_id_2 
_ndb_struct_na_base_pair_step.i_symmetry_2 
_ndb_struct_na_base_pair_step.j_label_asym_id_2 
_ndb_struct_na_base_pair_step.j_label_comp_id_2 
_ndb_struct_na_base_pair_step.j_label_seq_id_2 
_ndb_struct_na_base_pair_step.j_symmetry_2 
_ndb_struct_na_base_pair_step.shift 
_ndb_struct_na_base_pair_step.slide 
_ndb_struct_na_base_pair_step.rise 
_ndb_struct_na_base_pair_step.tilt 
_ndb_struct_na_base_pair_step.roll 
_ndb_struct_na_base_pair_step.twist 
_ndb_struct_na_base_pair_step.x_displacement 
_ndb_struct_na_base_pair_step.y_displacement 
_ndb_struct_na_base_pair_step.helical_rise 
_ndb_struct_na_base_pair_step.inclination 
_ndb_struct_na_base_pair_step.tip 
_ndb_struct_na_base_pair_step.helical_twist 
_ndb_struct_na_base_pair_step.step_number 
_ndb_struct_na_base_pair_step.step_name 
_ndb_struct_na_base_pair_step.i_auth_asym_id_1 
_ndb_struct_na_base_pair_step.i_auth_seq_id_1 
_ndb_struct_na_base_pair_step.i_PDB_ins_code_1 
_ndb_struct_na_base_pair_step.j_auth_asym_id_1 
_ndb_struct_na_base_pair_step.j_auth_seq_id_1 
_ndb_struct_na_base_pair_step.j_PDB_ins_code_1 
_ndb_struct_na_base_pair_step.i_auth_asym_id_2 
_ndb_struct_na_base_pair_step.i_auth_seq_id_2 
_ndb_struct_na_base_pair_step.i_PDB_ins_code_2 
_ndb_struct_na_base_pair_step.j_auth_asym_id_2 
_ndb_struct_na_base_pair_step.j_auth_seq_id_2 
_ndb_struct_na_base_pair_step.j_PDB_ins_code_2 
1 A G  1 1_555 B DC 10 1_555 A C  2  1_555 B DG 9 1_555 0.855  -1.609 3.281 5.382  -1.759 39.902 -2.131 -0.615 3.428 -2.561 -7.838 
40.285 1 AA_G1C2:DG19DC20_BB   A 1 ? B 20 ? A 2  ? B 19 ? 
1 A C  2 1_555 B DG 9  1_555 A DG 3  1_555 B DC 8 1_555 0.228  -1.665 3.650 5.474  9.671  31.055 -4.666 0.576  3.007 17.381 -9.838 
32.938 2 AA_C2DG3:DC18DG19_BB  A 2 ? B 19 ? A 3  ? B 18 ? 
1 A DG 3 1_555 B DC 8  1_555 A DT 4  1_555 B DA 7 1_555 -0.871 -1.170 3.112 -2.171 9.830  30.669 -3.695 1.217  2.673 17.988 3.972  
32.241 3 AA_DG3DT4:DA17DC18_BB A 3 ? B 18 ? A 4  ? B 17 ? 
1 A DT 4 1_555 B DA 7  1_555 A DA 5  1_555 B DT 6 1_555 1.033  -1.300 3.042 -0.434 20.184 24.202 -5.405 -1.972 1.518 40.329 0.866  
31.420 4 AA_DT4DA5:DT16DA17_BB A 4 ? B 17 ? A 5  ? B 16 ? 
1 A DA 5 1_555 B DT 6  1_555 A DT 6  1_555 B DA 5 1_555 0.944  -1.350 3.124 2.016  3.243  32.883 -2.886 -1.336 3.031 5.705  -3.547 
33.098 5 AA_DA5DT6:DA15DT16_BB A 5 ? B 16 ? A 6  ? B 15 ? 
1 A DT 6 1_555 B DA 5  1_555 A DA 7  1_555 B DT 4 1_555 -0.447 -1.197 2.947 2.208  14.031 32.160 -3.724 1.015  2.215 23.925 -3.765 
35.081 6 AA_DT6DA7:DT14DA15_BB A 6 ? B 15 ? A 7  ? B 14 ? 
1 A DA 7 1_555 B DT 4  1_555 A DC 8  1_555 B DG 3 1_555 -0.031 -1.569 3.481 0.275  6.131  31.980 -3.891 0.104  3.134 11.001 -0.493 
32.549 7 AA_DA7DC8:DG13DT14_BB A 7 ? B 14 ? A 8  ? B 13 ? 
1 A DC 8 1_555 B DG 3  1_555 A DG 9  1_555 B C  2 1_555 0.149  -1.978 3.524 -3.941 4.769  26.517 -5.426 -1.326 3.073 10.220 8.447  
27.217 8 AA_DC8DG9:C12DG13_BB  A 8 ? B 13 ? A 9  ? B 12 ? 
1 A DG 9 1_555 B C  2  1_555 A DC 10 1_555 B G  1 1_555 -0.130 -2.056 3.270 1.534  1.435  30.580 -4.167 0.543  3.162 2.717  -2.904 
30.651 9 AA_DG9DC10:G11C12_BB  A 9 ? B 12 ? A 10 ? B 11 ? 
# 
_atom_sites.entry_id                    1DNT 
_atom_sites.fract_transf_matrix[1][1]   0.01343047 
_atom_sites.fract_transf_matrix[1][2]   -0.03081253 
_atom_sites.fract_transf_matrix[1][3]   -0.02008683 
_atom_sites.fract_transf_matrix[2][1]   -0.02074458 
_atom_sites.fract_transf_matrix[2][2]   -0.00309969 
_atom_sites.fract_transf_matrix[2][3]   -0.00911544 
_atom_sites.fract_transf_matrix[3][1]   0.00536899 
_atom_sites.fract_transf_matrix[3][2]   0.01324074 
_atom_sites.fract_transf_matrix[3][3]   -0.01672103 
_atom_sites.fract_transf_vector[1]      0.136904 
_atom_sites.fract_transf_vector[2]      -0.030534 
_atom_sites.fract_transf_vector[3]      0.237973 
# 
loop_
_atom_type.symbol 
C  
MG 
N  
O  
P  
# 
loop_
_atom_site.group_PDB 
_atom_site.id 
_atom_site.type_symbol 
_atom_site.label_atom_id 
_atom_site.label_alt_id 
_atom_site.label_comp_id 
_atom_site.label_asym_id 
_atom_site.label_entity_id 
_atom_site.label_seq_id 
_atom_site.pdbx_PDB_ins_code 
_atom_site.Cartn_x 
_atom_site.Cartn_y 
_atom_site.Cartn_z 
_atom_site.occupancy 
_atom_site.B_iso_or_equiv 
_atom_site.pdbx_formal_charge 
_atom_site.auth_seq_id 
_atom_site.auth_comp_id 
_atom_site.auth_asym_id 
_atom_site.auth_atom_id 
_atom_site.pdbx_PDB_model_num 
ATOM   1   O  "O5'" . G   A 1 1  ? -9.282  1.817   4.406   1.00 72.80  ? 1   G   A "O5'" 1 
ATOM   2   C  "C5'" . G   A 1 1  ? -10.508 2.467   4.797   1.00 34.75  ? 1   G   A "C5'" 1 
ATOM   3   C  "C4'" . G   A 1 1  ? -11.646 2.006   3.909   1.00 36.18  ? 1   G   A "C4'" 1 
ATOM   4   O  "O4'" . G   A 1 1  ? -12.595 3.088   3.794   1.00 31.10  ? 1   G   A "O4'" 1 
ATOM   5   C  "C3'" . G   A 1 1  ? -11.269 1.604   2.489   1.00 34.95  ? 1   G   A "C3'" 1 
ATOM   6   O  "O3'" . G   A 1 1  ? -11.484 0.192   2.298   1.00 34.19  ? 1   G   A "O3'" 1 
ATOM   7   C  "C2'" . G   A 1 1  ? -12.301 2.282   1.601   1.00 33.07  ? 1   G   A "C2'" 1 
ATOM   8   O  "O2'" . G   A 1 1  ? -13.408 1.445   1.344   1.00 29.78  ? 1   G   A "O2'" 1 
ATOM   9   C  "C1'" . G   A 1 1  ? -12.728 3.472   2.432   1.00 30.25  ? 1   G   A "C1'" 1 
ATOM   10  N  N9    . G   A 1 1  ? -11.849 4.605   2.181   1.00 29.23  ? 1   G   A N9    1 
ATOM   11  C  C8    . G   A 1 1  ? -10.994 5.224   3.053   1.00 37.73  ? 1   G   A C8    1 
ATOM   12  N  N7    . G   A 1 1  ? -10.280 6.162   2.495   1.00 36.06  ? 1   G   A N7    1 
ATOM   13  C  C5    . G   A 1 1  ? -10.670 6.122   1.157   1.00 30.01  ? 1   G   A C5    1 
ATOM   14  C  C6    . G   A 1 1  ? -10.267 6.942   0.073   1.00 33.68  ? 1   G   A C6    1 
ATOM   15  O  O6    . G   A 1 1  ? -9.458  7.879   0.110   1.00 27.60  ? 1   G   A O6    1 
ATOM   16  N  N1    . G   A 1 1  ? -10.996 6.658   -1.077  1.00 28.00  ? 1   G   A N1    1 
ATOM   17  C  C2    . G   A 1 1  ? -11.954 5.682   -1.191  1.00 25.41  ? 1   G   A C2    1 
ATOM   18  N  N2    . G   A 1 1  ? -12.521 5.509   -2.398  1.00 24.57  ? 1   G   A N2    1 
ATOM   19  N  N3    . G   A 1 1  ? -12.320 4.899   -0.192  1.00 27.47  ? 1   G   A N3    1 
ATOM   20  C  C4    . G   A 1 1  ? -11.700 5.234   0.964   1.00 29.64  ? 1   G   A C4    1 
ATOM   21  P  P     . C   A 1 2  ? -10.330 -0.640  1.553   1.00 39.30  ? 2   C   A P     1 
ATOM   22  O  OP1   . C   A 1 2  ? -10.781 -2.058  1.503   1.00 39.72  ? 2   C   A OP1   1 
ATOM   23  O  OP2   . C   A 1 2  ? -9.023  -0.237  2.084   1.00 37.83  ? 2   C   A OP2   1 
ATOM   24  O  "O5'" . C   A 1 2  ? -10.452 -0.117  0.044   1.00 33.47  ? 2   C   A "O5'" 1 
ATOM   25  C  "C5'" . C   A 1 2  ? -11.621 -0.474  -0.732  1.00 30.02  ? 2   C   A "C5'" 1 
ATOM   26  C  "C4'" . C   A 1 2  ? -11.522 0.294   -2.033  1.00 23.77  ? 2   C   A "C4'" 1 
ATOM   27  O  "O4'" . C   A 1 2  ? -11.653 1.710   -1.755  1.00 25.75  ? 2   C   A "O4'" 1 
ATOM   28  C  "C3'" . C   A 1 2  ? -10.080 0.244   -2.608  1.00 26.60  ? 2   C   A "C3'" 1 
ATOM   29  O  "O3'" . C   A 1 2  ? -9.892  -1.009  -3.273  1.00 30.90  ? 2   C   A "O3'" 1 
ATOM   30  C  "C2'" . C   A 1 2  ? -10.211 1.405   -3.586  1.00 23.64  ? 2   C   A "C2'" 1 
ATOM   31  O  "O2'" . C   A 1 2  ? -11.165 1.120   -4.612  1.00 27.06  ? 2   C   A "O2'" 1 
ATOM   32  C  "C1'" . C   A 1 2  ? -10.818 2.445   -2.635  1.00 26.53  ? 2   C   A "C1'" 1 
ATOM   33  N  N1    . C   A 1 2  ? -9.779  3.153   -1.868  1.00 28.31  ? 2   C   A N1    1 
ATOM   34  C  C2    . C   A 1 2  ? -9.172  4.237   -2.533  1.00 21.83  ? 2   C   A C2    1 
ATOM   35  O  O2    . C   A 1 2  ? -9.572  4.513   -3.675  1.00 27.25  ? 2   C   A O2    1 
ATOM   36  N  N3    . C   A 1 2  ? -8.214  4.955   -1.911  1.00 18.75  ? 2   C   A N3    1 
ATOM   37  C  C4    . C   A 1 2  ? -7.829  4.607   -0.675  1.00 23.90  ? 2   C   A C4    1 
ATOM   38  N  N4    . C   A 1 2  ? -6.814  5.299   -0.141  1.00 34.16  ? 2   C   A N4    1 
ATOM   39  C  C5    . C   A 1 2  ? -8.379  3.486   0.009   1.00 21.93  ? 2   C   A C5    1 
ATOM   40  C  C6    . C   A 1 2  ? -9.328  2.778   -0.636  1.00 25.93  ? 2   C   A C6    1 
ATOM   41  P  P     . DG  A 1 3  ? -8.409  -1.412  -3.744  1.00 30.16  ? 3   DG  A P     1 
ATOM   42  O  OP1   . DG  A 1 3  ? -8.509  -2.681  -4.508  1.00 32.43  ? 3   DG  A OP1   1 
ATOM   43  O  OP2   . DG  A 1 3  ? -7.531  -1.291  -2.559  1.00 28.23  ? 3   DG  A OP2   1 
ATOM   44  O  "O5'" . DG  A 1 3  ? -8.019  -0.274  -4.781  1.00 28.60  ? 3   DG  A "O5'" 1 
ATOM   45  C  "C5'" . DG  A 1 3  ? -8.461  -0.344  -6.151  1.00 34.20  ? 3   DG  A "C5'" 1 
ATOM   46  C  "C4'" . DG  A 1 3  ? -7.887  0.848   -6.889  1.00 27.60  ? 3   DG  A "C4'" 1 
ATOM   47  O  "O4'" . DG  A 1 3  ? -8.000  2.029   -6.068  1.00 22.69  ? 3   DG  A "O4'" 1 
ATOM   48  C  "C3'" . DG  A 1 3  ? -6.356  0.734   -7.067  1.00 21.61  ? 3   DG  A "C3'" 1 
ATOM   49  O  "O3'" . DG  A 1 3  ? -6.199  0.041   -8.316  1.00 24.28  ? 3   DG  A "O3'" 1 
ATOM   50  C  "C2'" . DG  A 1 3  ? -6.016  2.211   -7.337  1.00 20.86  ? 3   DG  A "C2'" 1 
ATOM   51  C  "C1'" . DG  A 1 3  ? -6.912  2.904   -6.328  1.00 21.46  ? 3   DG  A "C1'" 1 
ATOM   52  N  N9    . DG  A 1 3  ? -6.267  3.122   -5.031  1.00 21.45  ? 3   DG  A N9    1 
ATOM   53  C  C8    . DG  A 1 3  ? -6.507  2.541   -3.816  1.00 23.30  ? 3   DG  A C8    1 
ATOM   54  N  N7    . DG  A 1 3  ? -5.730  3.044   -2.866  1.00 24.82  ? 3   DG  A N7    1 
ATOM   55  C  C5    . DG  A 1 3  ? -5.056  4.079   -3.488  1.00 22.40  ? 3   DG  A C5    1 
ATOM   56  C  C6    . DG  A 1 3  ? -4.130  5.038   -3.000  1.00 23.86  ? 3   DG  A C6    1 
ATOM   57  O  O6    . DG  A 1 3  ? -3.711  5.152   -1.847  1.00 22.19  ? 3   DG  A O6    1 
ATOM   58  N  N1    . DG  A 1 3  ? -3.633  5.845   -4.021  1.00 23.38  ? 3   DG  A N1    1 
ATOM   59  C  C2    . DG  A 1 3  ? -3.973  5.802   -5.343  1.00 23.95  ? 3   DG  A C2    1 
ATOM   60  N  N2    . DG  A 1 3  ? -3.382  6.687   -6.160  1.00 25.35  ? 3   DG  A N2    1 
ATOM   61  N  N3    . DG  A 1 3  ? -4.903  4.975   -5.794  1.00 20.16  ? 3   DG  A N3    1 
ATOM   62  C  C4    . DG  A 1 3  ? -5.326  4.117   -4.839  1.00 16.85  ? 3   DG  A C4    1 
ATOM   63  P  P     . DT  A 1 4  ? -4.779  -0.538  -8.763  1.00 27.00  ? 4   DT  A P     1 
ATOM   64  O  OP1   . DT  A 1 4  ? -5.035  -1.363  -9.977  1.00 26.47  ? 4   DT  A OP1   1 
ATOM   65  O  OP2   . DT  A 1 4  ? -4.160  -1.173  -7.571  1.00 35.98  ? 4   DT  A OP2   1 
ATOM   66  O  "O5'" . DT  A 1 4  ? -3.953  0.737   -9.149  1.00 22.93  ? 4   DT  A "O5'" 1 
ATOM   67  C  "C5'" . DT  A 1 4  ? -4.022  1.439   -10.385 1.00 19.51  ? 4   DT  A "C5'" 1 
ATOM   68  C  "C4'" . DT  A 1 4  ? -2.929  2.481   -10.476 1.00 27.54  ? 4   DT  A "C4'" 1 
ATOM   69  O  "O4'" . DT  A 1 4  ? -3.031  3.465   -9.423  1.00 29.32  ? 4   DT  A "O4'" 1 
ATOM   70  C  "C3'" . DT  A 1 4  ? -1.530  1.887   -10.248 1.00 28.18  ? 4   DT  A "C3'" 1 
ATOM   71  O  "O3'" . DT  A 1 4  ? -1.072  1.337   -11.495 1.00 29.62  ? 4   DT  A "O3'" 1 
ATOM   72  C  "C2'" . DT  A 1 4  ? -0.754  3.142   -9.913  1.00 21.54  ? 4   DT  A "C2'" 1 
ATOM   73  C  "C1'" . DT  A 1 4  ? -1.735  3.890   -9.018  1.00 25.07  ? 4   DT  A "C1'" 1 
ATOM   74  N  N1    . DT  A 1 4  ? -1.542  3.622   -7.583  1.00 26.81  ? 4   DT  A N1    1 
ATOM   75  C  C2    . DT  A 1 4  ? -0.775  4.494   -6.864  1.00 27.33  ? 4   DT  A C2    1 
ATOM   76  O  O2    . DT  A 1 4  ? -0.127  5.412   -7.362  1.00 24.86  ? 4   DT  A O2    1 
ATOM   77  N  N3    . DT  A 1 4  ? -0.783  4.268   -5.503  1.00 23.57  ? 4   DT  A N3    1 
ATOM   78  C  C4    . DT  A 1 4  ? -1.479  3.315   -4.789  1.00 20.48  ? 4   DT  A C4    1 
ATOM   79  O  O4    . DT  A 1 4  ? -1.375  3.256   -3.547  1.00 22.31  ? 4   DT  A O4    1 
ATOM   80  C  C5    . DT  A 1 4  ? -2.210  2.390   -5.617  1.00 20.62  ? 4   DT  A C5    1 
ATOM   81  C  C7    . DT  A 1 4  ? -2.963  1.249   -4.984  1.00 26.88  ? 4   DT  A C7    1 
ATOM   82  C  C6    . DT  A 1 4  ? -2.243  2.616   -6.942  1.00 23.09  ? 4   DT  A C6    1 
ATOM   83  P  P     . DA  A 1 5  ? -0.219  -0.025  -11.413 1.00 27.34  ? 5   DA  A P     1 
ATOM   84  O  OP1   . DA  A 1 5  ? 0.103   -0.421  -12.803 1.00 30.27  ? 5   DA  A OP1   1 
ATOM   85  O  OP2   . DA  A 1 5  ? -0.859  -0.964  -10.465 1.00 27.67  ? 5   DA  A OP2   1 
ATOM   86  O  "O5'" . DA  A 1 5  ? 1.130   0.485   -10.761 1.00 23.46  ? 5   DA  A "O5'" 1 
ATOM   87  C  "C5'" . DA  A 1 5  ? 1.779   -0.261  -9.706  1.00 29.71  ? 5   DA  A "C5'" 1 
ATOM   88  C  "C4'" . DA  A 1 5  ? 2.748   0.721   -9.103  1.00 24.38  ? 5   DA  A "C4'" 1 
ATOM   89  O  "O4'" . DA  A 1 5  ? 2.039   1.762   -8.389  1.00 23.31  ? 5   DA  A "O4'" 1 
ATOM   90  C  "C3'" . DA  A 1 5  ? 3.763   0.150   -8.119  1.00 24.45  ? 5   DA  A "C3'" 1 
ATOM   91  O  "O3'" . DA  A 1 5  ? 4.875   -0.381  -8.864  1.00 25.29  ? 5   DA  A "O3'" 1 
ATOM   92  C  "C2'" . DA  A 1 5  ? 4.198   1.422   -7.420  1.00 26.29  ? 5   DA  A "C2'" 1 
ATOM   93  C  "C1'" . DA  A 1 5  ? 2.903   2.233   -7.355  1.00 26.26  ? 5   DA  A "C1'" 1 
ATOM   94  N  N9    . DA  A 1 5  ? 2.208   2.023   -6.084  1.00 24.65  ? 5   DA  A N9    1 
ATOM   95  C  C8    . DA  A 1 5  ? 1.141   1.189   -5.848  1.00 18.54  ? 5   DA  A C8    1 
ATOM   96  N  N7    . DA  A 1 5  ? 0.744   1.170   -4.597  1.00 22.19  ? 5   DA  A N7    1 
ATOM   97  C  C5    . DA  A 1 5  ? 1.671   2.004   -3.976  1.00 23.31  ? 5   DA  A C5    1 
ATOM   98  C  C6    . DA  A 1 5  ? 1.759   2.425   -2.637  1.00 23.91  ? 5   DA  A C6    1 
ATOM   99  N  N6    . DA  A 1 5  ? 0.924   2.002   -1.681  1.00 29.93  ? 5   DA  A N6    1 
ATOM   100 N  N1    . DA  A 1 5  ? 2.705   3.341   -2.359  1.00 24.82  ? 5   DA  A N1    1 
ATOM   101 C  C2    . DA  A 1 5  ? 3.509   3.777   -3.338  1.00 19.59  ? 5   DA  A C2    1 
ATOM   102 N  N3    . DA  A 1 5  ? 3.523   3.473   -4.629  1.00 21.54  ? 5   DA  A N3    1 
ATOM   103 C  C4    . DA  A 1 5  ? 2.513   2.611   -4.888  1.00 23.99  ? 5   DA  A C4    1 
ATOM   104 P  P     . DT  A 1 6  ? 5.743   -1.568  -8.180  1.00 32.73  ? 6   DT  A P     1 
ATOM   105 O  OP1   . DT  A 1 6  ? 6.781   -1.958  -9.169  1.00 35.84  ? 6   DT  A OP1   1 
ATOM   106 O  OP2   . DT  A 1 6  ? 4.835   -2.628  -7.681  1.00 31.34  ? 6   DT  A OP2   1 
ATOM   107 O  "O5'" . DT  A 1 6  ? 6.473   -0.834  -6.993  1.00 32.20  ? 6   DT  A "O5'" 1 
ATOM   108 C  "C5'" . DT  A 1 6  ? 7.562   0.076   -7.242  1.00 24.78  ? 6   DT  A "C5'" 1 
ATOM   109 C  "C4'" . DT  A 1 6  ? 7.982   0.705   -5.931  1.00 27.28  ? 6   DT  A "C4'" 1 
ATOM   110 O  "O4'" . DT  A 1 6  ? 6.878   1.412   -5.349  1.00 30.18  ? 6   DT  A "O4'" 1 
ATOM   111 C  "C3'" . DT  A 1 6  ? 8.286   -0.364  -4.848  1.00 22.04  ? 6   DT  A "C3'" 1 
ATOM   112 O  "O3'" . DT  A 1 6  ? 9.672   -0.683  -5.039  1.00 33.00  ? 6   DT  A "O3'" 1 
ATOM   113 C  "C2'" . DT  A 1 6  ? 8.160   0.495   -3.593  1.00 27.03  ? 6   DT  A "C2'" 1 
ATOM   114 C  "C1'" . DT  A 1 6  ? 6.958   1.361   -3.923  1.00 28.40  ? 6   DT  A "C1'" 1 
ATOM   115 N  N1    . DT  A 1 6  ? 5.684   0.819   -3.411  1.00 25.10  ? 6   DT  A N1    1 
ATOM   116 C  C2    . DT  A 1 6  ? 5.362   1.093   -2.115  1.00 23.69  ? 6   DT  A C2    1 
ATOM   117 O  O2    . DT  A 1 6  ? 6.001   1.879   -1.430  1.00 30.27  ? 6   DT  A O2    1 
ATOM   118 N  N3    . DT  A 1 6  ? 4.236   0.467   -1.632  1.00 25.92  ? 6   DT  A N3    1 
ATOM   119 C  C4    . DT  A 1 6  ? 3.491   -0.503  -2.272  1.00 26.02  ? 6   DT  A C4    1 
ATOM   120 O  O4    . DT  A 1 6  ? 2.503   -0.976  -1.728  1.00 23.19  ? 6   DT  A O4    1 
ATOM   121 C  C5    . DT  A 1 6  ? 3.914   -0.782  -3.634  1.00 26.06  ? 6   DT  A C5    1 
ATOM   122 C  C7    . DT  A 1 6  ? 3.056   -1.690  -4.457  1.00 31.25  ? 6   DT  A C7    1 
ATOM   123 C  C6    . DT  A 1 6  ? 4.951   -0.102  -4.130  1.00 23.82  ? 6   DT  A C6    1 
ATOM   124 P  P     . DA  A 1 7  ? 10.256  -2.040  -4.447  1.00 30.42  ? 7   DA  A P     1 
ATOM   125 O  OP1   . DA  A 1 7  ? 11.609  -2.205  -5.033  1.00 35.64  ? 7   DA  A OP1   1 
ATOM   126 O  OP2   . DA  A 1 7  ? 9.231   -3.115  -4.558  1.00 28.00  ? 7   DA  A OP2   1 
ATOM   127 O  "O5'" . DA  A 1 7  ? 10.440  -1.756  -2.882  1.00 26.95  ? 7   DA  A "O5'" 1 
ATOM   128 C  "C5'" . DA  A 1 7  ? 11.449  -0.839  -2.417  1.00 30.61  ? 7   DA  A "C5'" 1 
ATOM   129 C  "C4'" . DA  A 1 7  ? 11.296  -0.607  -0.928  1.00 30.16  ? 7   DA  A "C4'" 1 
ATOM   130 O  "O4'" . DA  A 1 7  ? 10.029  0.079   -0.717  1.00 28.84  ? 7   DA  A "O4'" 1 
ATOM   131 C  "C3'" . DA  A 1 7  ? 11.104  -1.888  -0.101  1.00 24.42  ? 7   DA  A "C3'" 1 
ATOM   132 O  "O3'" . DA  A 1 7  ? 12.343  -2.520  0.204   1.00 24.96  ? 7   DA  A "O3'" 1 
ATOM   133 C  "C2'" . DA  A 1 7  ? 10.477  -1.299  1.156   1.00 23.25  ? 7   DA  A "C2'" 1 
ATOM   134 C  "C1'" . DA  A 1 7  ? 9.464   -0.350  0.516   1.00 31.73  ? 7   DA  A "C1'" 1 
ATOM   135 N  N9    . DA  A 1 7  ? 8.191   -1.030  0.237   1.00 26.40  ? 7   DA  A N9    1 
ATOM   136 C  C8    . DA  A 1 7  ? 7.707   -1.565  -0.922  1.00 30.65  ? 7   DA  A C8    1 
ATOM   137 N  N7    . DA  A 1 7  ? 6.486   -2.045  -0.814  1.00 29.96  ? 7   DA  A N7    1 
ATOM   138 C  C5    . DA  A 1 7  ? 6.116   -1.698  0.477   1.00 29.08  ? 7   DA  A C5    1 
ATOM   139 C  C6    . DA  A 1 7  ? 4.911   -1.813  1.194   1.00 20.56  ? 7   DA  A C6    1 
ATOM   140 N  N6    . DA  A 1 7  ? 3.839   -2.456  0.737   1.00 30.58  ? 7   DA  A N6    1 
ATOM   141 N  N1    . DA  A 1 7  ? 4.896   -1.384  2.470   1.00 27.01  ? 7   DA  A N1    1 
ATOM   142 C  C2    . DA  A 1 7  ? 5.981   -0.765  2.957   1.00 22.12  ? 7   DA  A C2    1 
ATOM   143 N  N3    . DA  A 1 7  ? 7.148   -0.535  2.368   1.00 21.65  ? 7   DA  A N3    1 
ATOM   144 C  C4    . DA  A 1 7  ? 7.132   -1.017  1.118   1.00 22.38  ? 7   DA  A C4    1 
ATOM   145 P  P     . DC  A 1 8  ? 12.423  -4.078  0.524   1.00 29.91  ? 8   DC  A P     1 
ATOM   146 O  OP1   . DC  A 1 8  ? 13.850  -4.477  0.659   1.00 30.31  ? 8   DC  A OP1   1 
ATOM   147 O  OP2   . DC  A 1 8  ? 11.535  -4.802  -0.426  1.00 32.93  ? 8   DC  A OP2   1 
ATOM   148 O  "O5'" . DC  A 1 8  ? 11.795  -4.220  1.991   1.00 25.40  ? 8   DC  A "O5'" 1 
ATOM   149 C  "C5'" . DC  A 1 8  ? 12.441  -3.548  3.095   1.00 20.95  ? 8   DC  A "C5'" 1 
ATOM   150 C  "C4'" . DC  A 1 8  ? 11.546  -3.633  4.311   1.00 19.45  ? 8   DC  A "C4'" 1 
ATOM   151 O  "O4'" . DC  A 1 8  ? 10.299  -2.934  4.033   1.00 22.85  ? 8   DC  A "O4'" 1 
ATOM   152 C  "C3'" . DC  A 1 8  ? 11.105  -5.061  4.643   1.00 22.78  ? 8   DC  A "C3'" 1 
ATOM   153 O  "O3'" . DC  A 1 8  ? 12.147  -5.696  5.409   1.00 22.49  ? 8   DC  A "O3'" 1 
ATOM   154 C  "C2'" . DC  A 1 8  ? 9.882   -4.794  5.490   1.00 22.39  ? 8   DC  A "C2'" 1 
ATOM   155 C  "C1'" . DC  A 1 8  ? 9.260   -3.610  4.743   1.00 25.82  ? 8   DC  A "C1'" 1 
ATOM   156 N  N1    . DC  A 1 8  ? 8.250   -4.066  3.767   1.00 24.75  ? 8   DC  A N1    1 
ATOM   157 C  C2    . DC  A 1 8  ? 6.956   -4.249  4.253   1.00 26.99  ? 8   DC  A C2    1 
ATOM   158 O  O2    . DC  A 1 8  ? 6.774   -3.998  5.461   1.00 26.87  ? 8   DC  A O2    1 
ATOM   159 N  N3    . DC  A 1 8  ? 6.007   -4.733  3.410   1.00 28.34  ? 8   DC  A N3    1 
ATOM   160 C  C4    . DC  A 1 8  ? 6.265   -4.855  2.109   1.00 22.26  ? 8   DC  A C4    1 
ATOM   161 N  N4    . DC  A 1 8  ? 5.308   -5.368  1.325   1.00 29.46  ? 8   DC  A N4    1 
ATOM   162 C  C5    . DC  A 1 8  ? 7.602   -4.741  1.611   1.00 20.95  ? 8   DC  A C5    1 
ATOM   163 C  C6    . DC  A 1 8  ? 8.546   -4.352  2.473   1.00 21.45  ? 8   DC  A C6    1 
ATOM   164 P  P     . DG  A 1 9  ? 12.179  -7.312  5.483   1.00 25.59  ? 9   DG  A P     1 
ATOM   165 O  OP1   . DG  A 1 9  ? 13.368  -7.590  6.341   1.00 27.07  ? 9   DG  A OP1   1 
ATOM   166 O  OP2   . DG  A 1 9  ? 12.011  -7.807  4.106   1.00 23.56  ? 9   DG  A OP2   1 
ATOM   167 O  "O5'" . DG  A 1 9  ? 10.897  -7.726  6.312   1.00 26.11  ? 9   DG  A "O5'" 1 
ATOM   168 C  "C5'" . DG  A 1 9  ? 10.777  -7.447  7.722   1.00 29.75  ? 9   DG  A "C5'" 1 
ATOM   169 C  "C4'" . DG  A 1 9  ? 9.418   -7.825  8.250   1.00 24.47  ? 9   DG  A "C4'" 1 
ATOM   170 O  "O4'" . DG  A 1 9  ? 8.395   -7.030  7.599   1.00 24.27  ? 9   DG  A "O4'" 1 
ATOM   171 C  "C3'" . DG  A 1 9  ? 8.958   -9.251  7.896   1.00 21.61  ? 9   DG  A "C3'" 1 
ATOM   172 O  "O3'" . DG  A 1 9  ? 9.661   -10.147 8.750   1.00 21.05  ? 9   DG  A "O3'" 1 
ATOM   173 C  "C2'" . DG  A 1 9  ? 7.478   -9.117  8.244   1.00 19.15  ? 9   DG  A "C2'" 1 
ATOM   174 C  "C1'" . DG  A 1 9  ? 7.159   -7.775  7.599   1.00 19.23  ? 9   DG  A "C1'" 1 
ATOM   175 N  N9    . DG  A 1 9  ? 6.723   -7.863  6.213   1.00 23.80  ? 9   DG  A N9    1 
ATOM   176 C  C8    . DG  A 1 9  ? 7.419   -7.656  5.052   1.00 31.01  ? 9   DG  A C8    1 
ATOM   177 N  N7    . DG  A 1 9  ? 6.711   -7.892  3.968   1.00 25.65  ? 9   DG  A N7    1 
ATOM   178 C  C5    . DG  A 1 9  ? 5.512   -8.370  4.449   1.00 21.95  ? 9   DG  A C5    1 
ATOM   179 C  C6    . DG  A 1 9  ? 4.327   -8.724  3.744   1.00 25.06  ? 9   DG  A C6    1 
ATOM   180 O  O6    . DG  A 1 9  ? 4.146   -8.702  2.519   1.00 25.37  ? 9   DG  A O6    1 
ATOM   181 N  N1    . DG  A 1 9  ? 3.301   -9.070  4.617   1.00 28.77  ? 9   DG  A N1    1 
ATOM   182 C  C2    . DG  A 1 9  ? 3.381   -9.039  5.988   1.00 31.47  ? 9   DG  A C2    1 
ATOM   183 N  N2    . DG  A 1 9  ? 2.282   -9.417  6.640   1.00 27.43  ? 9   DG  A N2    1 
ATOM   184 N  N3    . DG  A 1 9  ? 4.476   -8.705  6.660   1.00 23.70  ? 9   DG  A N3    1 
ATOM   185 C  C4    . DG  A 1 9  ? 5.449   -8.273  5.823   1.00 21.34  ? 9   DG  A C4    1 
ATOM   186 P  P     . DC  A 1 10 ? 9.817   -11.687 8.440   1.00 23.87  ? 10  DC  A P     1 
ATOM   187 O  OP1   . DC  A 1 10 ? 10.660  -12.307 9.478   1.00 25.69  ? 10  DC  A OP1   1 
ATOM   188 O  OP2   . DC  A 1 10 ? 10.169  -11.865 6.988   1.00 25.61  ? 10  DC  A OP2   1 
ATOM   189 O  "O5'" . DC  A 1 10 ? 8.319   -12.214 8.563   1.00 19.98  ? 10  DC  A "O5'" 1 
ATOM   190 C  "C5'" . DC  A 1 10 ? 7.635   -12.230 9.825   1.00 21.89  ? 10  DC  A "C5'" 1 
ATOM   191 C  "C4'" . DC  A 1 10 ? 6.257   -12.793 9.682   1.00 24.40  ? 10  DC  A "C4'" 1 
ATOM   192 O  "O4'" . DC  A 1 10 ? 5.475   -11.900 8.821   1.00 20.84  ? 10  DC  A "O4'" 1 
ATOM   193 C  "C3'" . DC  A 1 10 ? 6.163   -14.135 8.927   1.00 21.94  ? 10  DC  A "C3'" 1 
ATOM   194 O  "O3'" . DC  A 1 10 ? 6.318   -15.213 9.867   1.00 21.28  ? 10  DC  A "O3'" 1 
ATOM   195 C  "C2'" . DC  A 1 10 ? 4.680   -14.115 8.553   1.00 26.55  ? 10  DC  A "C2'" 1 
ATOM   196 C  "C1'" . DC  A 1 10 ? 4.507   -12.652 8.141   1.00 21.34  ? 10  DC  A "C1'" 1 
ATOM   197 N  N1    . DC  A 1 10 ? 4.691   -12.442 6.709   1.00 23.92  ? 10  DC  A N1    1 
ATOM   198 C  C2    . DC  A 1 10 ? 3.568   -12.708 5.911   1.00 26.59  ? 10  DC  A C2    1 
ATOM   199 O  O2    . DC  A 1 10 ? 2.535   -13.085 6.494   1.00 20.58  ? 10  DC  A O2    1 
ATOM   200 N  N3    . DC  A 1 10 ? 3.690   -12.601 4.580   1.00 26.33  ? 10  DC  A N3    1 
ATOM   201 C  C4    . DC  A 1 10 ? 4.814   -12.127 4.032   1.00 22.06  ? 10  DC  A C4    1 
ATOM   202 N  N4    . DC  A 1 10 ? 4.826   -11.975 2.708   1.00 22.35  ? 10  DC  A N4    1 
ATOM   203 C  C5    . DC  A 1 10 ? 5.967   -11.849 4.817   1.00 23.61  ? 10  DC  A C5    1 
ATOM   204 C  C6    . DC  A 1 10 ? 5.851   -12.007 6.151   1.00 21.54  ? 10  DC  A C6    1 
ATOM   205 O  "O5'" . G   B 1 1  ? -3.894  -13.904 -2.452  1.00 45.53  ? 11  G   B "O5'" 1 
ATOM   206 C  "C5'" . G   B 1 1  ? -5.117  -14.364 -1.833  1.00 27.51  ? 11  G   B "C5'" 1 
ATOM   207 C  "C4'" . G   B 1 1  ? -4.911  -14.566 -0.357  1.00 27.10  ? 11  G   B "C4'" 1 
ATOM   208 O  "O4'" . G   B 1 1  ? -3.692  -15.341 -0.126  1.00 29.78  ? 11  G   B "O4'" 1 
ATOM   209 C  "C3'" . G   B 1 1  ? -4.655  -13.299 0.466   1.00 29.61  ? 11  G   B "C3'" 1 
ATOM   210 O  "O3'" . G   B 1 1  ? -5.891  -12.649 0.757   1.00 26.16  ? 11  G   B "O3'" 1 
ATOM   211 C  "C2'" . G   B 1 1  ? -4.027  -13.881 1.719   1.00 27.22  ? 11  G   B "C2'" 1 
ATOM   212 O  "O2'" . G   B 1 1  ? -4.982  -14.654 2.462   1.00 28.98  ? 11  G   B "O2'" 1 
ATOM   213 C  "C1'" . G   B 1 1  ? -3.080  -14.903 1.078   1.00 31.13  ? 11  G   B "C1'" 1 
ATOM   214 N  N9    . G   B 1 1  ? -1.797  -14.306 0.714   1.00 34.52  ? 11  G   B N9    1 
ATOM   215 C  C8    . G   B 1 1  ? -1.210  -14.180 -0.518  1.00 31.76  ? 11  G   B C8    1 
ATOM   216 N  N7    . G   B 1 1  ? 0.037   -13.790 -0.435  1.00 30.26  ? 11  G   B N7    1 
ATOM   217 C  C5    . G   B 1 1  ? 0.273   -13.609 0.915   1.00 26.08  ? 11  G   B C5    1 
ATOM   218 C  C6    . G   B 1 1  ? 1.431   -13.193 1.629   1.00 29.77  ? 11  G   B C6    1 
ATOM   219 O  O6    . G   B 1 1  ? 2.534   -12.841 1.167   1.00 25.10  ? 11  G   B O6    1 
ATOM   220 N  N1    . G   B 1 1  ? 1.193   -13.211 3.009   1.00 22.16  ? 11  G   B N1    1 
ATOM   221 C  C2    . G   B 1 1  ? 0.028   -13.560 3.634   1.00 35.71  ? 11  G   B C2    1 
ATOM   222 N  N2    . G   B 1 1  ? -0.004  -13.501 4.974   1.00 25.27  ? 11  G   B N2    1 
ATOM   223 N  N3    . G   B 1 1  ? -1.046  -13.990 2.981   1.00 37.33  ? 11  G   B N3    1 
ATOM   224 C  C4    . G   B 1 1  ? -0.847  -13.939 1.644   1.00 29.54  ? 11  G   B C4    1 
ATOM   225 P  P     . C   B 1 2  ? -5.922  -11.050 0.864   1.00 34.55  ? 12  C   B P     1 
ATOM   226 O  OP1   . C   B 1 2  ? -7.339  -10.693 1.060   1.00 35.53  ? 12  C   B OP1   1 
ATOM   227 O  OP2   . C   B 1 2  ? -5.082  -10.489 -0.225  1.00 29.08  ? 12  C   B OP2   1 
ATOM   228 O  "O5'" . C   B 1 2  ? -5.180  -10.742 2.248   1.00 30.08  ? 12  C   B "O5'" 1 
ATOM   229 C  "C5'" . C   B 1 2  ? -5.668  -11.418 3.427   1.00 28.78  ? 12  C   B "C5'" 1 
ATOM   230 C  "C4'" . C   B 1 2  ? -4.816  -11.022 4.615   1.00 29.46  ? 12  C   B "C4'" 1 
ATOM   231 O  "O4'" . C   B 1 2  ? -3.553  -11.763 4.454   1.00 26.90  ? 12  C   B "O4'" 1 
ATOM   232 C  "C3'" . C   B 1 2  ? -4.354  -9.567  4.642   1.00 28.92  ? 12  C   B "C3'" 1 
ATOM   233 O  "O3'" . C   B 1 2  ? -5.286  -8.630  5.214   1.00 26.78  ? 12  C   B "O3'" 1 
ATOM   234 C  "C2'" . C   B 1 2  ? -3.156  -9.696  5.578   1.00 25.47  ? 12  C   B "C2'" 1 
ATOM   235 O  "O2'" . C   B 1 2  ? -3.608  -9.946  6.896   1.00 27.90  ? 12  C   B "O2'" 1 
ATOM   236 C  "C1'" . C   B 1 2  ? -2.523  -10.978 5.044   1.00 24.00  ? 12  C   B "C1'" 1 
ATOM   237 N  N1    . C   B 1 2  ? -1.526  -10.636 4.016   1.00 25.96  ? 12  C   B N1    1 
ATOM   238 C  C2    . C   B 1 2  ? -0.277  -10.211 4.488   1.00 32.29  ? 12  C   B C2    1 
ATOM   239 O  O2    . C   B 1 2  ? -0.101  -10.123 5.717   1.00 23.71  ? 12  C   B O2    1 
ATOM   240 N  N3    . C   B 1 2  ? 0.669   -9.963  3.563   1.00 29.04  ? 12  C   B N3    1 
ATOM   241 C  C4    . C   B 1 2  ? 0.393   -10.001 2.256   1.00 34.59  ? 12  C   B C4    1 
ATOM   242 N  N4    . C   B 1 2  ? 1.381   -9.728  1.394   1.00 27.72  ? 12  C   B N4    1 
ATOM   243 C  C5    . C   B 1 2  ? -0.855  -10.491 1.758   1.00 29.05  ? 12  C   B C5    1 
ATOM   244 C  C6    . C   B 1 2  ? -1.771  -10.786 2.689   1.00 29.74  ? 12  C   B C6    1 
ATOM   245 P  P     . DG  B 1 3  ? -5.103  -7.087  4.787   1.00 31.42  ? 13  DG  B P     1 
ATOM   246 O  OP1   . DG  B 1 3  ? -6.322  -6.339  5.151   1.00 31.18  ? 13  DG  B OP1   1 
ATOM   247 O  OP2   . DG  B 1 3  ? -4.560  -7.018  3.413   1.00 39.95  ? 13  DG  B OP2   1 
ATOM   248 O  "O5'" . DG  B 1 3  ? -3.955  -6.559  5.781   1.00 28.47  ? 13  DG  B "O5'" 1 
ATOM   249 C  "C5'" . DG  B 1 3  ? -4.115  -6.831  7.188   1.00 29.26  ? 13  DG  B "C5'" 1 
ATOM   250 C  "C4'" . DG  B 1 3  ? -2.835  -6.536  7.925   1.00 31.67  ? 13  DG  B "C4'" 1 
ATOM   251 O  "O4'" . DG  B 1 3  ? -1.792  -7.400  7.415   1.00 26.88  ? 13  DG  B "O4'" 1 
ATOM   252 C  "C3'" . DG  B 1 3  ? -2.281  -5.119  7.685   1.00 31.47  ? 13  DG  B "C3'" 1 
ATOM   253 O  "O3'" . DG  B 1 3  ? -2.879  -4.233  8.636   1.00 25.11  ? 13  DG  B "O3'" 1 
ATOM   254 C  "C2'" . DG  B 1 3  ? -0.819  -5.337  8.053   1.00 29.82  ? 13  DG  B "C2'" 1 
ATOM   255 C  "C1'" . DG  B 1 3  ? -0.564  -6.691  7.407   1.00 31.65  ? 13  DG  B "C1'" 1 
ATOM   256 N  N9    . DG  B 1 3  ? -0.044  -6.613  6.044   1.00 28.15  ? 13  DG  B N9    1 
ATOM   257 C  C8    . DG  B 1 3  ? -0.740  -6.768  4.866   1.00 30.07  ? 13  DG  B C8    1 
ATOM   258 N  N7    . DG  B 1 3  ? 0.000   -6.594  3.801   1.00 22.09  ? 13  DG  B N7    1 
ATOM   259 C  C5    . DG  B 1 3  ? 1.224   -6.167  4.323   1.00 27.96  ? 13  DG  B C5    1 
ATOM   260 C  C6    . DG  B 1 3  ? 2.416   -5.777  3.663   1.00 30.76  ? 13  DG  B C6    1 
ATOM   261 O  O6    . DG  B 1 3  ? 2.607   -5.608  2.437   1.00 26.58  ? 13  DG  B O6    1 
ATOM   262 N  N1    . DG  B 1 3  ? 3.416   -5.474  4.582   1.00 25.42  ? 13  DG  B N1    1 
ATOM   263 C  C2    . DG  B 1 3  ? 3.345   -5.548  5.939   1.00 23.17  ? 13  DG  B C2    1 
ATOM   264 N  N2    . DG  B 1 3  ? 4.461   -5.218  6.610   1.00 29.99  ? 13  DG  B N2    1 
ATOM   265 N  N3    . DG  B 1 3  ? 2.244   -5.930  6.579   1.00 24.86  ? 13  DG  B N3    1 
ATOM   266 C  C4    . DG  B 1 3  ? 1.233   -6.216  5.703   1.00 28.84  ? 13  DG  B C4    1 
ATOM   267 P  P     . DT  B 1 4  ? -2.998  -2.671  8.306   1.00 28.25  ? 14  DT  B P     1 
ATOM   268 O  OP1   . DT  B 1 4  ? -3.746  -2.015  9.393   1.00 27.76  ? 14  DT  B OP1   1 
ATOM   269 O  OP2   . DT  B 1 4  ? -3.369  -2.496  6.883   1.00 25.95  ? 14  DT  B OP2   1 
ATOM   270 O  "O5'" . DT  B 1 4  ? -1.459  -2.202  8.428   1.00 26.43  ? 14  DT  B "O5'" 1 
ATOM   271 C  "C5'" . DT  B 1 4  ? -0.795  -2.210  9.704   1.00 26.10  ? 14  DT  B "C5'" 1 
ATOM   272 C  "C4'" . DT  B 1 4  ? 0.620   -1.712  9.511   1.00 21.78  ? 14  DT  B "C4'" 1 
ATOM   273 O  "O4'" . DT  B 1 4  ? 1.331   -2.665  8.673   1.00 23.55  ? 14  DT  B "O4'" 1 
ATOM   274 C  "C3'" . DT  B 1 4  ? 0.675   -0.428  8.649   1.00 28.37  ? 14  DT  B "C3'" 1 
ATOM   275 O  "O3'" . DT  B 1 4  ? 0.446   0.661   9.540   1.00 29.59  ? 14  DT  B "O3'" 1 
ATOM   276 C  "C2'" . DT  B 1 4  ? 2.160   -0.451  8.276   1.00 25.89  ? 14  DT  B "C2'" 1 
ATOM   277 C  "C1'" . DT  B 1 4  ? 2.271   -1.916  7.889   1.00 24.60  ? 14  DT  B "C1'" 1 
ATOM   278 N  N1    . DT  B 1 4  ? 1.992   -2.116  6.461   1.00 25.47  ? 14  DT  B N1    1 
ATOM   279 C  C2    . DT  B 1 4  ? 3.029   -1.862  5.598   1.00 27.75  ? 14  DT  B C2    1 
ATOM   280 O  O2    . DT  B 1 4  ? 4.108   -1.540  6.066   1.00 28.74  ? 14  DT  B O2    1 
ATOM   281 N  N3    . DT  B 1 4  ? 2.717   -1.973  4.266   1.00 24.01  ? 14  DT  B N3    1 
ATOM   282 C  C4    . DT  B 1 4  ? 1.489   -2.342  3.735   1.00 29.21  ? 14  DT  B C4    1 
ATOM   283 O  O4    . DT  B 1 4  ? 1.375   -2.526  2.525   1.00 29.99  ? 14  DT  B O4    1 
ATOM   284 C  C5    . DT  B 1 4  ? 0.461   -2.647  4.704   1.00 26.36  ? 14  DT  B C5    1 
ATOM   285 C  C7    . DT  B 1 4  ? -0.929  -2.984  4.256   1.00 29.22  ? 14  DT  B C7    1 
ATOM   286 C  C6    . DT  B 1 4  ? 0.758   -2.477  5.995   1.00 26.55  ? 14  DT  B C6    1 
ATOM   287 P  P     . DA  B 1 5  ? 0.007   2.092   8.967   1.00 29.89  ? 15  DA  B P     1 
ATOM   288 O  OP1   . DA  B 1 5  ? -0.232  2.979   10.115  1.00 29.47  ? 15  DA  B OP1   1 
ATOM   289 O  OP2   . DA  B 1 5  ? -1.090  1.870   7.974   1.00 32.01  ? 15  DA  B OP2   1 
ATOM   290 O  "O5'" . DA  B 1 5  ? 1.269   2.583   8.142   1.00 23.00  ? 15  DA  B "O5'" 1 
ATOM   291 C  "C5'" . DA  B 1 5  ? 2.446   3.027   8.855   1.00 29.74  ? 15  DA  B "C5'" 1 
ATOM   292 C  "C4'" . DA  B 1 5  ? 3.550   3.387   7.889   1.00 29.37  ? 15  DA  B "C4'" 1 
ATOM   293 O  "O4'" . DA  B 1 5  ? 3.944   2.216   7.130   1.00 22.78  ? 15  DA  B "O4'" 1 
ATOM   294 C  "C3'" . DA  B 1 5  ? 3.200   4.434   6.831   1.00 25.33  ? 15  DA  B "C3'" 1 
ATOM   295 O  "O3'" . DA  B 1 5  ? 3.415   5.744   7.360   1.00 27.80  ? 15  DA  B "O3'" 1 
ATOM   296 C  "C2'" . DA  B 1 5  ? 4.247   4.113   5.766   1.00 23.56  ? 15  DA  B "C2'" 1 
ATOM   297 C  "C1'" . DA  B 1 5  ? 4.241   2.592   5.800   1.00 22.68  ? 15  DA  B "C1'" 1 
ATOM   298 N  N9    . DA  B 1 5  ? 3.304   1.943   4.882   1.00 25.97  ? 15  DA  B N9    1 
ATOM   299 C  C8    . DA  B 1 5  ? 2.056   1.424   5.090   1.00 28.57  ? 15  DA  B C8    1 
ATOM   300 N  N7    . DA  B 1 5  ? 1.500   0.920   4.006   1.00 24.38  ? 15  DA  B N7    1 
ATOM   301 C  C5    . DA  B 1 5  ? 2.417   1.192   3.007   1.00 26.88  ? 15  DA  B C5    1 
ATOM   302 C  C6    . DA  B 1 5  ? 2.432   0.867   1.640   1.00 22.96  ? 15  DA  B C6    1 
ATOM   303 N  N6    . DA  B 1 5  ? 1.479   0.110   1.084   1.00 23.13  ? 15  DA  B N6    1 
ATOM   304 N  N1    . DA  B 1 5  ? 3.532   1.202   0.919   1.00 23.38  ? 15  DA  B N1    1 
ATOM   305 C  C2    . DA  B 1 5  ? 4.525   1.846   1.565   1.00 26.65  ? 15  DA  B C2    1 
ATOM   306 N  N3    . DA  B 1 5  ? 4.624   2.189   2.857   1.00 24.63  ? 15  DA  B N3    1 
ATOM   307 C  C4    . DA  B 1 5  ? 3.582   1.709   3.546   1.00 21.59  ? 15  DA  B C4    1 
ATOM   308 P  P     . DT  B 1 6  ? 2.941   7.095   6.680   1.00 25.65  ? 16  DT  B P     1 
ATOM   309 O  OP1   . DT  B 1 6  ? 3.345   8.264   7.508   1.00 33.14  ? 16  DT  B OP1   1 
ATOM   310 O  OP2   . DT  B 1 6  ? 1.515   6.986   6.250   1.00 26.46  ? 16  DT  B OP2   1 
ATOM   311 O  "O5'" . DT  B 1 6  ? 3.815   7.194   5.343   1.00 27.47  ? 16  DT  B "O5'" 1 
ATOM   312 C  "C5'" . DT  B 1 6  ? 5.168   7.688   5.398   1.00 32.30  ? 16  DT  B "C5'" 1 
ATOM   313 C  "C4'" . DT  B 1 6  ? 5.730   7.778   3.989   1.00 21.40  ? 16  DT  B "C4'" 1 
ATOM   314 O  "O4'" . DT  B 1 6  ? 5.669   6.475   3.373   1.00 26.07  ? 16  DT  B "O4'" 1 
ATOM   315 C  "C3'" . DT  B 1 6  ? 4.816   8.605   3.060   1.00 28.77  ? 16  DT  B "C3'" 1 
ATOM   316 O  "O3'" . DT  B 1 6  ? 5.114   9.993   3.231   1.00 31.32  ? 16  DT  B "O3'" 1 
ATOM   317 C  "C2'" . DT  B 1 6  ? 5.279   8.106   1.709   1.00 21.19  ? 16  DT  B "C2'" 1 
ATOM   318 C  "C1'" . DT  B 1 6  ? 5.392   6.600   1.985   1.00 27.05  ? 16  DT  B "C1'" 1 
ATOM   319 N  N1    . DT  B 1 6  ? 4.154   5.854   1.672   1.00 23.51  ? 16  DT  B N1    1 
ATOM   320 C  C2    . DT  B 1 6  ? 4.018   5.367   0.404   1.00 25.62  ? 16  DT  B C2    1 
ATOM   321 O  O2    . DT  B 1 6  ? 4.816   5.557   -0.492  1.00 30.32  ? 16  DT  B O2    1 
ATOM   322 N  N3    . DT  B 1 6  ? 2.924   4.557   0.179   1.00 26.13  ? 16  DT  B N3    1 
ATOM   323 C  C4    . DT  B 1 6  ? 1.867   4.373   1.049   1.00 24.95  ? 16  DT  B C4    1 
ATOM   324 O  O4    . DT  B 1 6  ? 0.969   3.599   0.715   1.00 20.89  ? 16  DT  B O4    1 
ATOM   325 C  C5    . DT  B 1 6  ? 2.099   4.852   2.397   1.00 20.49  ? 16  DT  B C5    1 
ATOM   326 C  C7    . DT  B 1 6  ? 1.042   4.576   3.424   1.00 24.79  ? 16  DT  B C7    1 
ATOM   327 C  C6    . DT  B 1 6  ? 3.215   5.550   2.639   1.00 26.66  ? 16  DT  B C6    1 
ATOM   328 P  P     . DA  B 1 7  ? 3.946   11.050  2.974   1.00 34.00  ? 17  DA  B P     1 
ATOM   329 O  OP1   . DA  B 1 7  ? 4.395   12.378  3.455   1.00 49.49  ? 17  DA  B OP1   1 
ATOM   330 O  OP2   . DA  B 1 7  ? 2.653   10.458  3.425   1.00 33.42  ? 17  DA  B OP2   1 
ATOM   331 O  "O5'" . DA  B 1 7  ? 3.872   11.202  1.385   1.00 31.97  ? 17  DA  B "O5'" 1 
ATOM   332 C  "C5'" . DA  B 1 7  ? 4.967   11.701  0.607   1.00 27.46  ? 17  DA  B "C5'" 1 
ATOM   333 C  "C4'" . DA  B 1 7  ? 4.663   11.479  -0.862  1.00 30.17  ? 17  DA  B "C4'" 1 
ATOM   334 O  "O4'" . DA  B 1 7  ? 4.666   10.048  -1.110  1.00 31.17  ? 17  DA  B "O4'" 1 
ATOM   335 C  "C3'" . DA  B 1 7  ? 3.259   11.880  -1.338  1.00 31.27  ? 17  DA  B "C3'" 1 
ATOM   336 O  "O3'" . DA  B 1 7  ? 3.217   13.272  -1.682  1.00 32.24  ? 17  DA  B "O3'" 1 
ATOM   337 C  "C2'" . DA  B 1 7  ? 3.193   11.083  -2.643  1.00 27.76  ? 17  DA  B "C2'" 1 
ATOM   338 C  "C1'" . DA  B 1 7  ? 3.850   9.765   -2.245  1.00 33.21  ? 17  DA  B "C1'" 1 
ATOM   339 N  N9    . DA  B 1 7  ? 2.882   8.743   -1.858  1.00 26.45  ? 17  DA  B N9    1 
ATOM   340 C  C8    . DA  B 1 7  ? 2.383   8.492   -0.599  1.00 22.65  ? 17  DA  B C8    1 
ATOM   341 N  N7    . DA  B 1 7  ? 1.550   7.474   -0.569  1.00 23.95  ? 17  DA  B N7    1 
ATOM   342 C  C5    . DA  B 1 7  ? 1.455   7.085   -1.902  1.00 20.80  ? 17  DA  B C5    1 
ATOM   343 C  C6    . DA  B 1 7  ? 0.756   6.038   -2.529  1.00 24.11  ? 17  DA  B C6    1 
ATOM   344 N  N6    . DA  B 1 7  ? -0.091  5.204   -1.910  1.00 24.15  ? 17  DA  B N6    1 
ATOM   345 N  N1    . DA  B 1 7  ? 0.830   5.992   -3.878  1.00 26.22  ? 17  DA  B N1    1 
ATOM   346 C  C2    . DA  B 1 7  ? 1.617   6.843   -4.534  1.00 24.73  ? 17  DA  B C2    1 
ATOM   347 N  N3    . DA  B 1 7  ? 2.368   7.835   -4.057  1.00 23.53  ? 17  DA  B N3    1 
ATOM   348 C  C4    . DA  B 1 7  ? 2.255   7.860   -2.710  1.00 26.78  ? 17  DA  B C4    1 
ATOM   349 P  P     . DC  B 1 8  ? 1.871   14.125  -1.502  1.00 37.24  ? 18  DC  B P     1 
ATOM   350 O  OP1   . DC  B 1 8  ? 2.259   15.557  -1.512  1.00 44.08  ? 18  DC  B OP1   1 
ATOM   351 O  OP2   . DC  B 1 8  ? 1.103   13.564  -0.359  1.00 49.95  ? 18  DC  B OP2   1 
ATOM   352 O  "O5'" . DC  B 1 8  ? 1.035   13.878  -2.827  1.00 41.38  ? 18  DC  B "O5'" 1 
ATOM   353 C  "C5'" . DC  B 1 8  ? 1.644   13.728  -4.119  1.00 36.05  ? 18  DC  B "C5'" 1 
ATOM   354 C  "C4'" . DC  B 1 8  ? 0.588   13.139  -5.048  1.00 35.87  ? 18  DC  B "C4'" 1 
ATOM   355 O  "O4'" . DC  B 1 8  ? 0.465   11.735  -4.735  1.00 33.01  ? 18  DC  B "O4'" 1 
ATOM   356 C  "C3'" . DC  B 1 8  ? -0.808  13.742  -4.851  1.00 42.77  ? 18  DC  B "C3'" 1 
ATOM   357 O  "O3'" . DC  B 1 8  ? -1.383  14.026  -6.128  1.00 47.28  ? 18  DC  B "O3'" 1 
ATOM   358 C  "C2'" . DC  B 1 8  ? -1.609  12.647  -4.184  1.00 32.70  ? 18  DC  B "C2'" 1 
ATOM   359 C  "C1'" . DC  B 1 8  ? -0.906  11.374  -4.637  1.00 32.68  ? 18  DC  B "C1'" 1 
ATOM   360 N  N1    . DC  B 1 8  ? -0.991  10.264  -3.668  1.00 33.25  ? 18  DC  B N1    1 
ATOM   361 C  C2    . DC  B 1 8  ? -1.554  9.055   -4.090  1.00 28.93  ? 18  DC  B C2    1 
ATOM   362 O  O2    . DC  B 1 8  ? -1.719  8.867   -5.307  1.00 34.60  ? 18  DC  B O2    1 
ATOM   363 N  N3    . DC  B 1 8  ? -1.892  8.133   -3.171  1.00 21.49  ? 18  DC  B N3    1 
ATOM   364 C  C4    . DC  B 1 8  ? -1.739  8.367   -1.864  1.00 21.50  ? 18  DC  B C4    1 
ATOM   365 N  N4    . DC  B 1 8  ? -2.103  7.416   -0.992  1.00 22.08  ? 18  DC  B N4    1 
ATOM   366 C  C5    . DC  B 1 8  ? -1.092  9.557   -1.401  1.00 23.77  ? 18  DC  B C5    1 
ATOM   367 C  C6    . DC  B 1 8  ? -0.825  10.483  -2.327  1.00 33.87  ? 18  DC  B C6    1 
ATOM   368 P  P     . DG  B 1 9  ? -2.833  14.699  -6.274  1.00 48.41  ? 19  DG  B P     1 
ATOM   369 O  OP1   . DG  B 1 9  ? -2.665  15.678  -7.381  1.00 32.46  ? 19  DG  B OP1   1 
ATOM   370 O  OP2   . DG  B 1 9  ? -3.392  15.066  -4.954  1.00 40.12  ? 19  DG  B OP2   1 
ATOM   371 O  "O5'" . DG  B 1 9  ? -3.763  13.528  -6.834  1.00 38.17  ? 19  DG  B "O5'" 1 
ATOM   372 C  "C5'" . DG  B 1 9  ? -3.715  13.177  -8.232  1.00 26.66  ? 19  DG  B "C5'" 1 
ATOM   373 C  "C4'" . DG  B 1 9  ? -4.430  11.839  -8.390  1.00 26.38  ? 19  DG  B "C4'" 1 
ATOM   374 O  "O4'" . DG  B 1 9  ? -3.957  11.022  -7.280  1.00 29.99  ? 19  DG  B "O4'" 1 
ATOM   375 C  "C3'" . DG  B 1 9  ? -5.951  11.967  -8.131  1.00 23.68  ? 19  DG  B "C3'" 1 
ATOM   376 O  "O3'" . DG  B 1 9  ? -6.562  12.123  -9.435  1.00 28.16  ? 19  DG  B "O3'" 1 
ATOM   377 C  "C2'" . DG  B 1 9  ? -6.280  10.607  -7.564  1.00 27.57  ? 19  DG  B "C2'" 1 
ATOM   378 C  "C1'" . DG  B 1 9  ? -4.965  10.047  -7.035  1.00 27.44  ? 19  DG  B "C1'" 1 
ATOM   379 N  N9    . DG  B 1 9  ? -5.012  9.824   -5.588  1.00 26.47  ? 19  DG  B N9    1 
ATOM   380 C  C8    . DG  B 1 9  ? -4.450  10.531  -4.573  1.00 25.00  ? 19  DG  B C8    1 
ATOM   381 N  N7    . DG  B 1 9  ? -4.553  9.941   -3.417  1.00 27.42  ? 19  DG  B N7    1 
ATOM   382 C  C5    . DG  B 1 9  ? -5.439  8.900   -3.656  1.00 26.00  ? 19  DG  B C5    1 
ATOM   383 C  C6    . DG  B 1 9  ? -5.979  7.925   -2.793  1.00 21.83  ? 19  DG  B C6    1 
ATOM   384 O  O6    . DG  B 1 9  ? -5.815  7.756   -1.578  1.00 27.52  ? 19  DG  B O6    1 
ATOM   385 N  N1    . DG  B 1 9  ? -6.855  7.056   -3.464  1.00 24.02  ? 19  DG  B N1    1 
ATOM   386 C  C2    . DG  B 1 9  ? -7.126  7.103   -4.800  1.00 21.14  ? 19  DG  B C2    1 
ATOM   387 N  N2    . DG  B 1 9  ? -7.979  6.164   -5.265  1.00 25.11  ? 19  DG  B N2    1 
ATOM   388 N  N3    . DG  B 1 9  ? -6.552  7.957   -5.635  1.00 24.00  ? 19  DG  B N3    1 
ATOM   389 C  C4    . DG  B 1 9  ? -5.816  8.880   -4.980  1.00 23.17  ? 19  DG  B C4    1 
ATOM   390 P  P     . DC  B 1 10 ? -8.095  12.565  -9.611  1.00 33.93  ? 20  DC  B P     1 
ATOM   391 O  OP1   . DC  B 1 10 ? -8.425  12.558  -11.069 1.00 31.97  ? 20  DC  B OP1   1 
ATOM   392 O  OP2   . DC  B 1 10 ? -8.385  13.756  -8.798  1.00 27.18  ? 20  DC  B OP2   1 
ATOM   393 O  "O5'" . DC  B 1 10 ? -8.936  11.365  -8.972  1.00 38.32  ? 20  DC  B "O5'" 1 
ATOM   394 C  "C5'" . DC  B 1 10 ? -9.536  10.342  -9.772  1.00 32.38  ? 20  DC  B "C5'" 1 
ATOM   395 C  "C4'" . DC  B 1 10 ? -10.431 9.444   -8.965  1.00 24.58  ? 20  DC  B "C4'" 1 
ATOM   396 O  "O4'" . DC  B 1 10 ? -9.716  8.916   -7.821  1.00 24.43  ? 20  DC  B "O4'" 1 
ATOM   397 C  "C3'" . DC  B 1 10 ? -11.653 10.098  -8.307  1.00 27.93  ? 20  DC  B "C3'" 1 
ATOM   398 O  "O3'" . DC  B 1 10 ? -12.705 10.185  -9.281  1.00 30.81  ? 20  DC  B "O3'" 1 
ATOM   399 C  "C2'" . DC  B 1 10 ? -12.021 9.050   -7.266  1.00 21.26  ? 20  DC  B "C2'" 1 
ATOM   400 C  "C1'" . DC  B 1 10 ? -10.694 8.419   -6.892  1.00 20.63  ? 20  DC  B "C1'" 1 
ATOM   401 N  N1    . DC  B 1 10 ? -10.205 8.862   -5.563  1.00 22.11  ? 20  DC  B N1    1 
ATOM   402 C  C2    . DC  B 1 10 ? -10.629 8.124   -4.454  1.00 29.67  ? 20  DC  B C2    1 
ATOM   403 O  O2    . DC  B 1 10 ? -11.468 7.221   -4.662  1.00 22.54  ? 20  DC  B O2    1 
ATOM   404 N  N3    . DC  B 1 10 ? -10.107 8.402   -3.222  1.00 20.90  ? 20  DC  B N3    1 
ATOM   405 C  C4    . DC  B 1 10 ? -9.243  9.414   -3.126  1.00 25.67  ? 20  DC  B C4    1 
ATOM   406 N  N4    . DC  B 1 10 ? -8.712  9.646   -1.909  1.00 29.40  ? 20  DC  B N4    1 
ATOM   407 C  C5    . DC  B 1 10 ? -8.823  10.189  -4.241  1.00 33.58  ? 20  DC  B C5    1 
ATOM   408 C  C6    . DC  B 1 10 ? -9.355  9.911   -5.449  1.00 25.68  ? 20  DC  B C6    1 
HETATM 409 MG MG    . MG  C 2 .  ? -3.273  1.955   0.409   1.00 46.43  ? 21  MG  A MG    1 
HETATM 410 O  O     . HOH D 3 .  ? -11.026 3.670   -5.861  1.00 24.02  ? 101 HOH A O     1 
HETATM 411 O  O     . HOH D 3 .  ? -1.361  -0.682  -7.729  1.00 25.51  ? 106 HOH A O     1 
HETATM 412 O  O     . HOH D 3 .  ? 5.711   -3.735  -2.670  1.00 34.20  ? 110 HOH A O     1 
HETATM 413 O  O     . HOH D 3 .  ? -1.669  0.232   -14.684 1.00 29.45  ? 111 HOH A O     1 
HETATM 414 O  O     . HOH D 3 .  ? 5.486   4.823   -5.823  1.00 26.38  ? 112 HOH A O     1 
HETATM 415 O  O     . HOH D 3 .  ? 12.741  -12.190 5.781   1.00 37.42  ? 113 HOH A O     1 
HETATM 416 O  O     . HOH D 3 .  ? 4.174   -9.157  9.342   1.00 30.74  ? 114 HOH A O     1 
HETATM 417 O  O     . HOH D 3 .  ? 5.629   -10.445 12.007  1.00 36.69  ? 115 HOH A O     1 
HETATM 418 O  O     . HOH D 3 .  ? -3.467  -2.535  -12.370 1.00 50.05  ? 116 HOH A O     1 
HETATM 419 O  O     . HOH D 3 .  ? 8.706   -15.696 10.551  1.00 32.43  ? 117 HOH A O     1 
HETATM 420 O  O     . HOH D 3 .  ? 1.140   -2.571  -7.081  1.00 52.46  ? 118 HOH A O     1 
HETATM 421 O  O     . HOH D 3 .  ? -10.236 2.878   -8.827  1.00 39.12  ? 119 HOH A O     1 
HETATM 422 O  O     . HOH D 3 .  ? 5.037   -7.468  10.906  1.00 41.83  ? 120 HOH A O     1 
HETATM 423 O  O     . HOH D 3 .  ? -4.743  -2.426  -5.733  1.00 54.31  ? 121 HOH A O     1 
HETATM 424 O  O     . HOH D 3 .  ? 8.311   2.645   0.137   1.00 41.87  ? 122 HOH A O     1 
HETATM 425 O  O     . HOH D 3 .  ? -0.597  -1.414  -3.665  1.00 35.32  ? 123 HOH A O     1 
HETATM 426 O  O     . HOH D 3 .  ? -5.029  -0.832  -2.771  1.00 38.77  ? 124 HOH A O     1 
HETATM 427 O  O     . HOH D 3 .  ? 0.777   -3.181  -1.951  1.00 35.01  ? 125 HOH A O     1 
HETATM 428 O  O     . HOH D 3 .  ? -7.395  -0.450  -11.650 1.00 41.23  ? 126 HOH A O     1 
HETATM 429 O  O     . HOH D 3 .  ? 8.555   -9.711  11.991  1.00 40.47  ? 128 HOH A O     1 
HETATM 430 O  O     . HOH D 3 .  ? 10.619  -11.031 11.893  1.00 42.41  ? 129 HOH A O     1 
HETATM 431 O  O     . HOH D 3 .  ? -7.113  0.089   0.287   1.00 52.90  ? 130 HOH A O     1 
HETATM 432 O  O     . HOH D 3 .  ? 2.812   -4.435  -1.848  1.00 46.75  ? 132 HOH A O     1 
HETATM 433 O  O     . HOH D 3 .  ? -0.681  -1.912  -16.895 1.00 38.29  ? 133 HOH A O     1 
HETATM 434 O  O     . HOH D 3 .  ? 11.024  -14.849 9.356   1.00 36.57  ? 134 HOH A O     1 
HETATM 435 O  O     . HOH D 3 .  ? 6.009   -6.579  -1.698  1.00 53.49  ? 136 HOH A O     1 
HETATM 436 O  O     . HOH D 3 .  ? 7.993   -8.381  1.303   1.00 41.78  ? 137 HOH A O     1 
HETATM 437 O  O     . HOH D 3 .  ? 12.466  -9.310  10.314  1.00 43.71  ? 139 HOH A O     1 
HETATM 438 O  O     . HOH D 3 .  ? -9.801  -1.852  -10.013 1.00 57.40  ? 140 HOH A O     1 
HETATM 439 O  O     . HOH D 3 .  ? 9.367   -11.904 4.381   1.00 41.31  ? 141 HOH A O     1 
HETATM 440 O  O     . HOH D 3 .  ? 7.635   3.911   -7.481  1.00 42.22  ? 144 HOH A O     1 
HETATM 441 O  O     . HOH D 3 .  ? -4.244  2.173   2.207   1.00 39.42  ? 146 HOH A O     1 
HETATM 442 O  O     . HOH D 3 .  ? -2.340  1.791   -1.412  1.00 27.20  ? 147 HOH A O     1 
HETATM 443 O  O     . HOH D 3 .  ? -3.008  4.005   0.335   1.00 57.69  ? 148 HOH A O     1 
HETATM 444 O  O     . HOH D 3 .  ? -5.088  2.157   -0.550  1.00 33.27  ? 149 HOH A O     1 
HETATM 445 O  O     . HOH D 3 .  ? -3.540  -0.083  0.482   1.00 157.91 ? 150 HOH A O     1 
HETATM 446 O  O     . HOH E 3 .  ? -0.299  7.311   1.626   1.00 25.13  ? 102 HOH B O     1 
HETATM 447 O  O     . HOH E 3 .  ? -1.229  0.558   3.559   1.00 31.95  ? 103 HOH B O     1 
HETATM 448 O  O     . HOH E 3 .  ? 6.401   -0.282  7.091   1.00 26.16  ? 104 HOH B O     1 
HETATM 449 O  O     . HOH E 3 .  ? 6.995   3.141   3.425   1.00 31.49  ? 105 HOH B O     1 
HETATM 450 O  O     . HOH E 3 .  ? -2.533  5.648   1.871   1.00 34.65  ? 107 HOH B O     1 
HETATM 451 O  O     . HOH E 3 .  ? 2.371   -6.562  9.291   1.00 36.63  ? 108 HOH B O     1 
HETATM 452 O  O     . HOH E 3 .  ? 0.974   8.239   3.874   1.00 25.90  ? 109 HOH B O     1 
HETATM 453 O  O     . HOH E 3 .  ? 2.868   14.255  2.125   1.00 41.10  ? 127 HOH B O     1 
HETATM 454 O  O     . HOH E 3 .  ? -6.957  13.474  -4.333  1.00 43.08  ? 131 HOH B O     1 
HETATM 455 O  O     . HOH E 3 .  ? -7.023  12.102  -1.435  1.00 44.91  ? 135 HOH B O     1 
HETATM 456 O  O     . HOH E 3 .  ? -7.485  -14.878 3.455   1.00 44.92  ? 138 HOH B O     1 
HETATM 457 O  O     . HOH E 3 .  ? -4.452  10.921  -1.084  1.00 46.97  ? 142 HOH B O     1 
HETATM 458 O  O     . HOH E 3 .  ? -10.572 12.857  -12.162 1.00 44.54  ? 143 HOH B O     1 
HETATM 459 O  O     . HOH E 3 .  ? 2.397   -6.427  0.206   1.00 58.34  ? 145 HOH B O     1 
HETATM 460 O  O     . HOH E 3 .  ? -1.473  1.758   1.388   1.00 42.20  ? 151 HOH B O     1 
# 
